data_9S2T
#
_entry.id   9S2T
#
_cell.length_a   108.5
_cell.length_b   113.26
_cell.length_c   166.71
_cell.angle_alpha   90
_cell.angle_beta   90
_cell.angle_gamma   90
#
_symmetry.space_group_name_H-M   'I 2 2 2'
#
loop_
_entity.id
_entity.type
_entity.pdbx_description
1 polymer 'Decarbamoylnovobiocin carbamoyltransferase'
2 non-polymer 'PHOSPHATE ION'
3 non-polymer 'FE (III) ION'
4 water water
#
_entity_poly.entity_id   1
_entity_poly.type   'polypeptide(L)'
_entity_poly.pdbx_seq_one_letter_code
;MLILGLNGNVSAAGADVVPNLNELYMHDAAATLVRDGVLVAAVEEERLNRIKKTTKFPSNAIRECLAAAGAKPADVDAIA
YYFPEDFFDDIFQQLYTEHPSVPTRYSREMILERLRVDLGWAAPPDILHYVPHHLAHAMSTYYRSGMREALVVVMDGAGE
RNCTTIYRSDGAELFEIASYPVPKSLGMFYLYGTRHLGYGFGDEYKVMGLAPYGDPSTYRDVFSTLYSLGPNGTYELIPR
GGVVFRMTTILREHGLQPRRRGEPFTQAHMDFAASVQETTEQIAMHVIGYWARSTGLRNLAFGGGVAHNSTLNGRILTSG
LFDEVFVHPASHDAGSSEGAALVVARERGERVWPLPRLTNASLGPDLGDVDSLERTLKSWSPLVDVERPDDIVEATAHLL
AAGEAIGWAHGRSEFGPRALGNRSILADARPKENQTRINAMVKKRESFRPFAPVVTAEAAGDYFDLPETVGHHDFMSFVV
QVRADRRELLGAVTHVDGSARVQVVTEETNPRFHRLVTRFGELTGTPVLLNTSFNNHAEPIVQSVDDVLTSYLTTSLDVL
VIEDFVVRRRTELPLALEDFTIGFRPVTRLVRRLADVSAGRPGAPEVSHEIYLDHTSGPRATISAAMYELLTHADGVTPL
GSLGIELTGELLTELYDLWQGRFVTVAPVGDGAGSAPLEHHHHHHHH
;
_entity_poly.pdbx_strand_id   A
#
# COMPACT_ATOMS: atom_id res chain seq x y z
N MET A 1 17.36 -20.21 12.03
CA MET A 1 15.99 -20.74 11.77
C MET A 1 15.35 -19.88 10.68
N LEU A 2 14.66 -20.52 9.72
CA LEU A 2 14.03 -19.81 8.62
C LEU A 2 12.51 -19.99 8.73
N ILE A 3 11.81 -18.87 8.95
CA ILE A 3 10.37 -18.88 9.17
C ILE A 3 9.69 -18.08 8.06
N LEU A 4 8.62 -18.64 7.49
CA LEU A 4 7.74 -17.94 6.56
C LEU A 4 6.56 -17.37 7.32
N GLY A 5 6.34 -16.05 7.25
CA GLY A 5 5.15 -15.45 7.82
C GLY A 5 4.14 -15.08 6.73
N LEU A 6 2.85 -15.33 6.99
CA LEU A 6 1.79 -15.13 6.02
C LEU A 6 0.65 -14.33 6.66
N ASN A 7 -0.04 -13.55 5.83
CA ASN A 7 -1.32 -12.96 6.18
C ASN A 7 -2.16 -12.90 4.91
N GLY A 8 -3.48 -12.90 5.06
CA GLY A 8 -4.36 -12.87 3.92
C GLY A 8 -5.39 -13.98 4.06
N ASN A 9 -6.36 -13.96 3.16
CA ASN A 9 -7.36 -15.01 3.09
C ASN A 9 -6.79 -16.18 2.28
N VAL A 10 -7.64 -17.17 1.94
CA VAL A 10 -7.19 -18.40 1.35
C VAL A 10 -7.58 -18.51 -0.13
N SER A 11 -8.04 -17.42 -0.77
CA SER A 11 -8.58 -17.50 -2.12
C SER A 11 -7.51 -17.81 -3.15
N ALA A 12 -7.88 -18.63 -4.15
CA ALA A 12 -7.08 -18.92 -5.34
C ALA A 12 -6.97 -17.66 -6.20
N ALA A 13 -6.14 -17.76 -7.26
CA ALA A 13 -5.84 -16.68 -8.19
C ALA A 13 -7.10 -16.23 -8.94
N GLY A 14 -7.94 -17.19 -9.31
CA GLY A 14 -8.98 -17.03 -10.30
C GLY A 14 -10.35 -16.68 -9.69
N ALA A 15 -10.69 -17.31 -8.56
CA ALA A 15 -11.96 -17.06 -7.89
C ALA A 15 -11.73 -17.00 -6.38
N ASP A 16 -12.65 -16.36 -5.66
CA ASP A 16 -12.53 -16.14 -4.23
C ASP A 16 -13.18 -17.30 -3.46
N VAL A 17 -12.82 -17.45 -2.17
CA VAL A 17 -13.32 -18.52 -1.33
C VAL A 17 -14.85 -18.49 -1.29
N VAL A 18 -15.41 -17.28 -1.18
CA VAL A 18 -16.83 -17.01 -1.34
C VAL A 18 -17.01 -15.93 -2.41
N PRO A 19 -18.18 -15.88 -3.09
CA PRO A 19 -18.52 -14.75 -3.96
C PRO A 19 -18.46 -13.38 -3.26
N ASN A 20 -17.61 -12.49 -3.79
CA ASN A 20 -17.47 -11.11 -3.33
C ASN A 20 -17.03 -11.05 -1.87
N LEU A 21 -16.12 -11.95 -1.50
CA LEU A 21 -15.53 -12.01 -0.17
C LEU A 21 -15.21 -10.59 0.31
N ASN A 22 -15.77 -10.23 1.47
CA ASN A 22 -15.56 -8.93 2.11
C ASN A 22 -14.08 -8.56 2.06
N GLU A 23 -13.82 -7.29 1.74
CA GLU A 23 -12.50 -6.73 1.51
C GLU A 23 -11.75 -6.44 2.82
N LEU A 24 -12.49 -6.57 3.95
CA LEU A 24 -11.99 -6.41 5.31
C LEU A 24 -11.44 -7.74 5.82
N TYR A 25 -11.79 -8.82 5.11
CA TYR A 25 -11.49 -10.16 5.57
C TYR A 25 -10.06 -10.54 5.16
N MET A 26 -9.07 -9.93 5.83
CA MET A 26 -7.68 -10.34 5.64
C MET A 26 -7.11 -9.68 4.37
N HIS A 27 -7.11 -8.35 4.35
CA HIS A 27 -6.64 -7.53 3.26
C HIS A 27 -5.11 -7.37 3.35
N ASP A 28 -4.50 -6.85 2.28
CA ASP A 28 -3.07 -6.59 2.24
C ASP A 28 -2.28 -7.88 2.43
N ALA A 29 -2.73 -8.97 1.80
CA ALA A 29 -2.05 -10.26 1.86
C ALA A 29 -0.56 -10.10 1.52
N ALA A 30 0.30 -10.86 2.21
CA ALA A 30 1.73 -10.74 2.05
C ALA A 30 2.43 -11.99 2.56
N ALA A 31 3.73 -12.06 2.28
CA ALA A 31 4.61 -13.08 2.81
C ALA A 31 5.90 -12.38 3.23
N THR A 32 6.50 -12.86 4.32
CA THR A 32 7.78 -12.41 4.81
C THR A 32 8.62 -13.66 5.10
N LEU A 33 9.94 -13.52 5.00
CA LEU A 33 10.90 -14.59 5.29
C LEU A 33 11.87 -14.03 6.31
N VAL A 34 11.99 -14.72 7.44
CA VAL A 34 12.85 -14.25 8.51
C VAL A 34 13.91 -15.33 8.75
N ARG A 35 15.19 -14.93 8.66
CA ARG A 35 16.28 -15.87 8.80
C ARG A 35 17.14 -15.41 9.97
N ASP A 36 17.22 -16.23 11.03
CA ASP A 36 17.91 -15.87 12.26
C ASP A 36 17.48 -14.48 12.72
N GLY A 37 16.20 -14.14 12.57
CA GLY A 37 15.66 -12.92 13.16
C GLY A 37 15.63 -11.75 12.18
N VAL A 38 16.38 -11.87 11.08
CA VAL A 38 16.56 -10.79 10.10
C VAL A 38 15.50 -10.95 9.03
N LEU A 39 14.80 -9.85 8.70
CA LEU A 39 13.86 -9.87 7.59
C LEU A 39 14.67 -9.90 6.29
N VAL A 40 14.66 -11.05 5.60
CA VAL A 40 15.53 -11.26 4.44
C VAL A 40 14.77 -11.01 3.12
N ALA A 41 13.43 -11.09 3.17
CA ALA A 41 12.58 -10.90 2.00
C ALA A 41 11.16 -10.57 2.46
N ALA A 42 10.48 -9.69 1.71
CA ALA A 42 9.11 -9.32 2.09
C ALA A 42 8.44 -8.69 0.87
N VAL A 43 7.21 -9.11 0.58
CA VAL A 43 6.48 -8.49 -0.51
C VAL A 43 4.99 -8.77 -0.33
N GLU A 44 4.17 -7.81 -0.74
CA GLU A 44 2.71 -7.91 -0.64
C GLU A 44 2.16 -8.58 -1.91
N GLU A 45 1.13 -9.43 -1.76
CA GLU A 45 0.55 -10.11 -2.91
C GLU A 45 0.09 -9.10 -3.98
N GLU A 46 -0.37 -7.92 -3.55
CA GLU A 46 -0.92 -6.92 -4.47
C GLU A 46 0.10 -6.58 -5.58
N ARG A 47 1.41 -6.57 -5.26
CA ARG A 47 2.44 -6.18 -6.21
C ARG A 47 2.51 -7.21 -7.35
N LEU A 48 2.08 -8.44 -7.05
CA LEU A 48 2.22 -9.55 -7.98
C LEU A 48 0.91 -9.87 -8.68
N ASN A 49 -0.23 -9.81 -7.97
CA ASN A 49 -1.48 -10.13 -8.66
C ASN A 49 -2.09 -8.84 -9.22
N ARG A 50 -1.49 -7.67 -8.88
CA ARG A 50 -1.86 -6.38 -9.43
C ARG A 50 -3.23 -5.91 -8.93
N ILE A 51 -3.67 -6.46 -7.79
CA ILE A 51 -4.94 -6.09 -7.17
C ILE A 51 -4.64 -5.38 -5.84
N LYS A 52 -4.93 -4.07 -5.79
CA LYS A 52 -4.73 -3.23 -4.62
C LYS A 52 -5.25 -3.91 -3.36
N LYS A 53 -4.38 -4.06 -2.35
CA LYS A 53 -4.75 -4.46 -1.00
C LYS A 53 -5.49 -5.82 -0.98
N THR A 54 -5.16 -6.68 -1.94
CA THR A 54 -5.84 -7.94 -2.21
C THR A 54 -5.96 -8.76 -0.93
N THR A 55 -7.03 -9.55 -0.87
CA THR A 55 -7.21 -10.52 0.20
C THR A 55 -6.78 -11.91 -0.27
N LYS A 56 -6.40 -12.06 -1.54
CA LYS A 56 -6.06 -13.38 -2.08
C LYS A 56 -4.83 -13.97 -1.36
N PHE A 57 -4.85 -15.30 -1.18
CA PHE A 57 -3.72 -16.01 -0.61
C PHE A 57 -2.44 -15.62 -1.33
N PRO A 58 -1.36 -15.29 -0.60
CA PRO A 58 -0.14 -14.74 -1.20
C PRO A 58 0.83 -15.76 -1.81
N SER A 59 0.33 -16.65 -2.67
CA SER A 59 1.16 -17.68 -3.28
C SER A 59 2.38 -17.09 -3.99
N ASN A 60 2.13 -16.05 -4.80
CA ASN A 60 3.16 -15.40 -5.61
C ASN A 60 4.20 -14.76 -4.70
N ALA A 61 3.72 -14.11 -3.63
CA ALA A 61 4.61 -13.50 -2.65
C ALA A 61 5.56 -14.54 -2.05
N ILE A 62 5.07 -15.75 -1.77
CA ILE A 62 5.88 -16.81 -1.18
C ILE A 62 6.97 -17.21 -2.19
N ARG A 63 6.56 -17.50 -3.42
CA ARG A 63 7.48 -17.89 -4.48
CA ARG A 63 7.47 -17.88 -4.49
C ARG A 63 8.62 -16.87 -4.55
N GLU A 64 8.27 -15.57 -4.62
CA GLU A 64 9.26 -14.51 -4.85
C GLU A 64 10.16 -14.27 -3.63
N CYS A 65 9.60 -14.33 -2.42
CA CYS A 65 10.39 -14.25 -1.19
C CYS A 65 11.45 -15.35 -1.14
N LEU A 66 11.03 -16.60 -1.37
CA LEU A 66 11.97 -17.70 -1.42
C LEU A 66 13.10 -17.41 -2.40
N ALA A 67 12.75 -17.01 -3.63
CA ALA A 67 13.78 -16.79 -4.65
C ALA A 67 14.67 -15.59 -4.28
N ALA A 68 14.07 -14.51 -3.76
CA ALA A 68 14.79 -13.32 -3.35
C ALA A 68 15.79 -13.64 -2.24
N ALA A 69 15.49 -14.64 -1.40
CA ALA A 69 16.33 -14.95 -0.25
C ALA A 69 17.29 -16.11 -0.54
N GLY A 70 17.24 -16.65 -1.77
CA GLY A 70 18.02 -17.81 -2.16
C GLY A 70 17.63 -19.08 -1.39
N ALA A 71 16.34 -19.21 -1.04
CA ALA A 71 15.85 -20.36 -0.28
C ALA A 71 14.93 -21.21 -1.14
N LYS A 72 14.80 -22.49 -0.75
CA LYS A 72 13.85 -23.40 -1.37
C LYS A 72 12.78 -23.71 -0.33
N PRO A 73 11.57 -24.18 -0.76
CA PRO A 73 10.52 -24.56 0.16
C PRO A 73 10.97 -25.47 1.30
N ALA A 74 11.90 -26.38 0.99
CA ALA A 74 12.37 -27.37 1.95
C ALA A 74 13.20 -26.73 3.05
N ASP A 75 13.71 -25.50 2.84
CA ASP A 75 14.56 -24.86 3.83
C ASP A 75 13.72 -24.28 4.97
N VAL A 76 12.42 -24.08 4.74
CA VAL A 76 11.57 -23.38 5.69
C VAL A 76 11.33 -24.29 6.89
N ASP A 77 11.58 -23.77 8.10
CA ASP A 77 11.41 -24.56 9.31
C ASP A 77 9.95 -24.54 9.77
N ALA A 78 9.25 -23.43 9.56
CA ALA A 78 7.87 -23.31 10.04
C ALA A 78 7.19 -22.17 9.29
N ILE A 79 5.86 -22.25 9.22
CA ILE A 79 5.00 -21.22 8.66
C ILE A 79 4.18 -20.60 9.80
N ALA A 80 4.19 -19.26 9.85
CA ALA A 80 3.52 -18.52 10.91
C ALA A 80 2.39 -17.70 10.30
N TYR A 81 1.19 -17.80 10.89
CA TYR A 81 0.00 -17.09 10.43
C TYR A 81 -0.40 -16.00 11.43
N TYR A 82 -0.84 -14.84 10.94
CA TYR A 82 -0.94 -13.60 11.72
C TYR A 82 -2.18 -13.51 12.60
N PHE A 83 -3.02 -14.56 12.66
CA PHE A 83 -4.18 -14.59 13.52
C PHE A 83 -4.29 -15.96 14.16
N PRO A 84 -4.94 -16.09 15.34
CA PRO A 84 -5.22 -17.41 15.92
C PRO A 84 -6.11 -18.29 15.05
N GLU A 85 -5.93 -19.61 15.17
CA GLU A 85 -6.60 -20.60 14.34
C GLU A 85 -8.11 -20.64 14.67
N ASP A 86 -8.46 -20.59 15.96
CA ASP A 86 -9.85 -20.71 16.36
CA ASP A 86 -9.85 -20.70 16.37
C ASP A 86 -10.65 -19.49 15.90
N PHE A 87 -10.01 -18.32 15.84
CA PHE A 87 -10.67 -17.12 15.35
C PHE A 87 -10.93 -17.21 13.85
N PHE A 88 -9.88 -17.57 13.09
CA PHE A 88 -10.00 -17.73 11.65
C PHE A 88 -11.05 -18.80 11.32
N ASP A 89 -11.06 -19.92 12.06
CA ASP A 89 -12.02 -20.99 11.80
C ASP A 89 -13.44 -20.58 12.19
N ASP A 90 -13.57 -19.68 13.19
CA ASP A 90 -14.87 -19.10 13.56
C ASP A 90 -15.42 -18.28 12.39
N ILE A 91 -14.55 -17.48 11.78
CA ILE A 91 -14.90 -16.66 10.62
C ILE A 91 -15.39 -17.55 9.48
N PHE A 92 -14.67 -18.63 9.19
CA PHE A 92 -15.06 -19.53 8.11
C PHE A 92 -16.42 -20.14 8.42
N GLN A 93 -16.62 -20.56 9.68
CA GLN A 93 -17.89 -21.18 10.02
C GLN A 93 -19.04 -20.20 9.79
N GLN A 94 -18.86 -18.95 10.23
CA GLN A 94 -19.82 -17.89 9.98
C GLN A 94 -20.16 -17.84 8.49
N LEU A 95 -19.13 -17.71 7.66
CA LEU A 95 -19.26 -17.70 6.21
C LEU A 95 -20.04 -18.91 5.73
N TYR A 96 -19.77 -20.10 6.28
CA TYR A 96 -20.41 -21.31 5.79
C TYR A 96 -21.91 -21.32 6.13
N THR A 97 -22.31 -20.63 7.21
CA THR A 97 -23.73 -20.63 7.55
C THR A 97 -24.48 -19.77 6.52
N GLU A 98 -23.78 -18.77 5.98
CA GLU A 98 -24.35 -17.79 5.07
C GLU A 98 -24.30 -18.31 3.64
N HIS A 99 -23.47 -19.34 3.38
CA HIS A 99 -23.34 -19.90 2.04
C HIS A 99 -23.42 -21.42 2.09
N PRO A 100 -24.63 -22.01 2.07
CA PRO A 100 -24.81 -23.44 2.33
C PRO A 100 -24.09 -24.41 1.38
N SER A 101 -23.61 -23.94 0.23
CA SER A 101 -23.09 -24.90 -0.73
C SER A 101 -21.56 -24.91 -0.73
N VAL A 102 -20.96 -24.00 0.04
CA VAL A 102 -19.51 -23.97 0.13
C VAL A 102 -19.08 -25.03 1.14
N PRO A 103 -18.17 -25.95 0.76
CA PRO A 103 -17.74 -27.03 1.67
C PRO A 103 -17.07 -26.51 2.94
N THR A 104 -17.32 -27.19 4.06
CA THR A 104 -16.87 -26.71 5.37
C THR A 104 -15.44 -27.18 5.61
N ARG A 105 -14.46 -26.48 5.03
CA ARG A 105 -13.06 -26.79 5.27
C ARG A 105 -12.45 -25.68 6.13
N TYR A 106 -11.56 -26.05 7.06
CA TYR A 106 -11.04 -25.05 7.97
C TYR A 106 -9.71 -24.50 7.47
N SER A 107 -9.12 -23.56 8.20
CA SER A 107 -8.03 -22.75 7.66
C SER A 107 -6.75 -23.56 7.41
N ARG A 108 -6.40 -24.47 8.35
CA ARG A 108 -5.18 -25.24 8.27
C ARG A 108 -5.14 -26.01 6.94
N GLU A 109 -6.15 -26.84 6.72
CA GLU A 109 -6.33 -27.59 5.49
C GLU A 109 -6.29 -26.65 4.28
N MET A 110 -6.96 -25.51 4.38
CA MET A 110 -7.11 -24.68 3.20
C MET A 110 -5.81 -23.98 2.83
N ILE A 111 -5.04 -23.57 3.84
CA ILE A 111 -3.73 -22.95 3.62
C ILE A 111 -2.80 -23.95 2.94
N LEU A 112 -2.74 -25.18 3.48
CA LEU A 112 -1.83 -26.19 3.00
C LEU A 112 -2.19 -26.57 1.57
N GLU A 113 -3.49 -26.57 1.25
CA GLU A 113 -3.95 -26.88 -0.09
C GLU A 113 -3.45 -25.84 -1.09
N ARG A 114 -3.45 -24.56 -0.69
CA ARG A 114 -2.97 -23.48 -1.54
C ARG A 114 -1.48 -23.68 -1.83
N LEU A 115 -0.71 -24.03 -0.80
CA LEU A 115 0.72 -24.25 -0.97
C LEU A 115 0.94 -25.40 -1.97
N ARG A 116 0.14 -26.47 -1.82
CA ARG A 116 0.26 -27.66 -2.66
CA ARG A 116 0.23 -27.66 -2.65
C ARG A 116 -0.08 -27.32 -4.11
N VAL A 117 -1.24 -26.68 -4.33
CA VAL A 117 -1.74 -26.41 -5.67
C VAL A 117 -0.90 -25.34 -6.38
N ASP A 118 -0.59 -24.22 -5.71
CA ASP A 118 0.02 -23.09 -6.38
C ASP A 118 1.53 -23.26 -6.45
N LEU A 119 2.13 -23.89 -5.43
CA LEU A 119 3.59 -23.91 -5.38
C LEU A 119 4.15 -25.32 -5.55
N GLY A 120 3.27 -26.33 -5.65
CA GLY A 120 3.71 -27.72 -5.66
C GLY A 120 4.38 -28.10 -4.33
N TRP A 121 4.03 -27.36 -3.27
CA TRP A 121 4.71 -27.50 -1.99
C TRP A 121 3.81 -28.19 -0.96
N ALA A 122 4.07 -29.47 -0.72
CA ALA A 122 3.34 -30.20 0.32
C ALA A 122 4.18 -30.25 1.59
N ALA A 123 3.49 -30.19 2.73
CA ALA A 123 4.17 -30.28 4.01
C ALA A 123 3.23 -30.99 5.00
N PRO A 124 3.75 -31.53 6.12
CA PRO A 124 2.87 -32.04 7.17
C PRO A 124 2.04 -30.91 7.77
N PRO A 125 0.75 -31.15 8.10
CA PRO A 125 -0.11 -30.15 8.70
C PRO A 125 0.53 -29.31 9.80
N ASP A 126 1.43 -29.92 10.60
CA ASP A 126 1.93 -29.27 11.80
C ASP A 126 3.07 -28.30 11.49
N ILE A 127 3.42 -28.11 10.22
CA ILE A 127 4.35 -27.04 9.88
C ILE A 127 3.74 -25.66 10.17
N LEU A 128 2.40 -25.57 10.15
CA LEU A 128 1.68 -24.32 10.31
C LEU A 128 1.45 -24.00 11.79
N HIS A 129 1.75 -22.76 12.19
CA HIS A 129 1.48 -22.26 13.54
C HIS A 129 0.81 -20.88 13.43
N TYR A 130 0.02 -20.52 14.44
CA TYR A 130 -0.82 -19.34 14.41
C TYR A 130 -0.50 -18.53 15.64
N VAL A 131 -0.71 -17.21 15.58
CA VAL A 131 -0.25 -16.27 16.60
C VAL A 131 -1.34 -15.23 16.86
N PRO A 132 -1.50 -14.74 18.13
CA PRO A 132 -2.36 -13.57 18.38
C PRO A 132 -1.97 -12.35 17.55
N HIS A 133 -3.00 -11.70 16.99
CA HIS A 133 -2.82 -10.64 16.00
C HIS A 133 -2.02 -9.45 16.53
N HIS A 134 -2.35 -8.99 17.75
CA HIS A 134 -1.69 -7.82 18.34
C HIS A 134 -0.26 -8.13 18.74
N LEU A 135 -0.01 -9.37 19.22
CA LEU A 135 1.34 -9.78 19.58
C LEU A 135 2.22 -9.82 18.31
N ALA A 136 1.64 -10.33 17.20
CA ALA A 136 2.34 -10.33 15.92
C ALA A 136 2.75 -8.90 15.55
N HIS A 137 1.77 -7.97 15.59
CA HIS A 137 2.06 -6.56 15.30
C HIS A 137 3.18 -6.05 16.21
N ALA A 138 3.05 -6.34 17.51
CA ALA A 138 3.89 -5.72 18.51
C ALA A 138 5.33 -6.23 18.40
N MET A 139 5.49 -7.54 18.15
CA MET A 139 6.82 -8.12 18.02
C MET A 139 7.56 -7.54 16.79
N SER A 140 6.84 -7.43 15.67
CA SER A 140 7.37 -6.81 14.47
C SER A 140 7.86 -5.40 14.74
N THR A 141 6.98 -4.56 15.29
CA THR A 141 7.28 -3.16 15.56
C THR A 141 8.48 -3.03 16.51
N TYR A 142 8.46 -3.80 17.61
CA TYR A 142 9.45 -3.66 18.67
C TYR A 142 10.82 -4.18 18.19
N TYR A 143 10.83 -5.38 17.63
CA TYR A 143 12.08 -5.99 17.18
C TYR A 143 12.71 -5.14 16.09
N ARG A 144 11.90 -4.61 15.16
CA ARG A 144 12.48 -3.83 14.07
C ARG A 144 12.97 -2.46 14.56
N SER A 145 12.51 -1.99 15.74
CA SER A 145 12.99 -0.72 16.26
C SER A 145 14.45 -0.82 16.70
N GLY A 146 14.90 -2.04 17.03
CA GLY A 146 16.20 -2.24 17.65
C GLY A 146 16.28 -1.70 19.08
N MET A 147 15.18 -1.20 19.66
CA MET A 147 15.25 -0.54 20.97
C MET A 147 15.50 -1.58 22.08
N ARG A 148 16.26 -1.19 23.10
CA ARG A 148 16.54 -2.09 24.21
CA ARG A 148 16.57 -2.05 24.24
C ARG A 148 15.42 -2.02 25.25
N GLU A 149 14.65 -0.92 25.22
CA GLU A 149 13.43 -0.81 26.01
C GLU A 149 12.44 0.15 25.33
N ALA A 150 11.15 -0.16 25.42
CA ALA A 150 10.17 0.65 24.71
C ALA A 150 8.78 0.44 25.29
N LEU A 151 7.96 1.50 25.28
CA LEU A 151 6.52 1.37 25.26
C LEU A 151 6.14 0.95 23.83
N VAL A 152 5.39 -0.14 23.71
CA VAL A 152 4.99 -0.65 22.41
C VAL A 152 3.47 -0.57 22.33
N VAL A 153 2.98 0.23 21.39
CA VAL A 153 1.56 0.47 21.19
C VAL A 153 1.13 -0.07 19.83
N VAL A 154 0.03 -0.83 19.83
CA VAL A 154 -0.62 -1.31 18.61
C VAL A 154 -2.01 -0.70 18.58
N MET A 155 -2.28 0.13 17.56
CA MET A 155 -3.61 0.62 17.29
C MET A 155 -4.01 0.21 15.87
N ASP A 156 -5.11 -0.52 15.73
CA ASP A 156 -5.58 -0.82 14.38
C ASP A 156 -7.09 -0.73 14.27
N GLY A 157 -7.56 -1.35 13.17
CA GLY A 157 -8.93 -1.79 12.94
C GLY A 157 -9.39 -2.81 13.98
N ALA A 158 -8.97 -4.09 13.84
CA ALA A 158 -9.40 -5.15 14.74
C ALA A 158 -8.44 -6.34 14.69
N GLY A 159 -8.03 -6.80 15.89
CA GLY A 159 -7.51 -8.15 16.11
C GLY A 159 -8.65 -9.12 16.48
N GLU A 160 -8.28 -10.31 16.96
CA GLU A 160 -9.28 -11.26 17.44
C GLU A 160 -9.97 -10.74 18.70
N ARG A 161 -9.32 -9.83 19.46
CA ARG A 161 -9.97 -9.39 20.70
C ARG A 161 -9.95 -7.87 20.89
N ASN A 162 -8.85 -7.20 20.50
CA ASN A 162 -8.75 -5.78 20.82
C ASN A 162 -8.55 -4.92 19.57
N CYS A 163 -8.88 -3.64 19.69
CA CYS A 163 -8.54 -2.65 18.68
C CYS A 163 -7.17 -2.03 18.98
N THR A 164 -6.79 -2.00 20.26
CA THR A 164 -5.58 -1.34 20.73
C THR A 164 -5.03 -2.17 21.90
N THR A 165 -3.71 -2.41 21.88
CA THR A 165 -3.03 -3.11 22.95
C THR A 165 -1.77 -2.33 23.30
N ILE A 166 -1.51 -2.19 24.61
CA ILE A 166 -0.35 -1.49 25.16
C ILE A 166 0.57 -2.52 25.82
N TYR A 167 1.86 -2.46 25.50
CA TYR A 167 2.83 -3.37 26.09
C TYR A 167 4.01 -2.54 26.62
N ARG A 168 4.69 -3.05 27.64
CA ARG A 168 6.04 -2.56 27.86
C ARG A 168 7.02 -3.69 27.63
N SER A 169 8.20 -3.34 27.10
CA SER A 169 9.17 -4.36 26.75
C SER A 169 9.82 -4.88 28.03
N ASP A 170 10.35 -6.10 27.93
CA ASP A 170 11.16 -6.64 29.01
C ASP A 170 12.31 -7.42 28.39
N GLY A 171 13.33 -6.67 27.92
CA GLY A 171 14.29 -7.28 27.01
C GLY A 171 13.56 -7.85 25.80
N ALA A 172 13.77 -9.14 25.52
CA ALA A 172 13.30 -9.75 24.30
C ALA A 172 11.79 -10.03 24.39
N GLU A 173 11.19 -9.81 25.57
CA GLU A 173 9.79 -10.15 25.77
C GLU A 173 8.94 -8.89 25.89
N LEU A 174 7.63 -9.07 25.71
CA LEU A 174 6.64 -8.02 25.83
C LEU A 174 5.68 -8.40 26.95
N PHE A 175 5.41 -7.44 27.83
CA PHE A 175 4.40 -7.58 28.86
C PHE A 175 3.20 -6.71 28.47
N GLU A 176 2.05 -7.34 28.28
CA GLU A 176 0.84 -6.61 27.96
C GLU A 176 0.33 -5.89 29.22
N ILE A 177 0.07 -4.59 29.14
CA ILE A 177 -0.37 -3.86 30.32
C ILE A 177 -1.81 -3.35 30.22
N ALA A 178 -2.36 -3.26 29.01
CA ALA A 178 -3.70 -2.70 28.80
C ALA A 178 -4.20 -3.03 27.40
N SER A 179 -5.53 -3.04 27.24
CA SER A 179 -6.13 -3.16 25.92
C SER A 179 -7.48 -2.44 25.93
N TYR A 180 -7.97 -2.11 24.72
CA TYR A 180 -9.28 -1.54 24.46
C TYR A 180 -10.01 -2.44 23.48
N PRO A 181 -11.29 -2.78 23.74
CA PRO A 181 -12.02 -3.72 22.89
C PRO A 181 -12.33 -3.20 21.49
N VAL A 182 -12.54 -4.13 20.55
CA VAL A 182 -12.79 -3.90 19.13
C VAL A 182 -13.77 -2.76 18.87
N PRO A 183 -14.95 -2.64 19.55
CA PRO A 183 -15.85 -1.51 19.32
C PRO A 183 -15.26 -0.10 19.49
N LYS A 184 -14.08 0.02 20.11
CA LYS A 184 -13.45 1.32 20.32
C LYS A 184 -12.43 1.62 19.22
N SER A 185 -12.46 0.87 18.12
CA SER A 185 -11.46 0.96 17.04
C SER A 185 -11.37 2.35 16.43
N LEU A 186 -10.17 2.96 16.50
CA LEU A 186 -9.81 4.16 15.76
C LEU A 186 -9.73 3.84 14.25
N GLY A 187 -9.19 2.67 13.91
CA GLY A 187 -9.12 2.28 12.51
C GLY A 187 -10.52 2.27 11.87
N MET A 188 -11.51 1.71 12.59
CA MET A 188 -12.85 1.58 12.05
C MET A 188 -13.55 2.95 12.00
N PHE A 189 -13.31 3.79 13.01
CA PHE A 189 -13.82 5.16 13.00
C PHE A 189 -13.28 5.91 11.78
N TYR A 190 -11.97 5.79 11.52
CA TYR A 190 -11.35 6.52 10.42
C TYR A 190 -11.88 6.03 9.07
N LEU A 191 -12.11 4.72 8.94
CA LEU A 191 -12.69 4.13 7.74
C LEU A 191 -14.12 4.64 7.51
N TYR A 192 -14.90 4.77 8.59
CA TYR A 192 -16.27 5.23 8.44
C TYR A 192 -16.24 6.66 7.87
N GLY A 193 -15.41 7.52 8.46
CA GLY A 193 -15.21 8.88 7.98
C GLY A 193 -14.81 8.92 6.50
N THR A 194 -13.91 7.99 6.11
CA THR A 194 -13.41 7.86 4.76
C THR A 194 -14.55 7.48 3.80
N ARG A 195 -15.46 6.61 4.24
CA ARG A 195 -16.62 6.22 3.44
C ARG A 195 -17.62 7.36 3.30
N HIS A 196 -17.78 8.16 4.36
CA HIS A 196 -18.65 9.33 4.30
C HIS A 196 -18.13 10.35 3.28
N LEU A 197 -16.82 10.36 3.04
CA LEU A 197 -16.22 11.31 2.10
C LEU A 197 -16.19 10.73 0.69
N GLY A 198 -16.95 9.67 0.43
CA GLY A 198 -17.07 9.08 -0.90
C GLY A 198 -15.90 8.18 -1.26
N TYR A 199 -15.12 7.75 -0.27
CA TYR A 199 -14.00 6.86 -0.51
C TYR A 199 -14.31 5.48 0.06
N GLY A 200 -13.32 4.59 -0.03
CA GLY A 200 -13.44 3.19 0.38
C GLY A 200 -12.22 2.69 1.16
N PHE A 201 -12.18 1.37 1.36
CA PHE A 201 -11.12 0.72 2.09
C PHE A 201 -9.78 1.04 1.41
N GLY A 202 -8.81 1.49 2.20
CA GLY A 202 -7.50 1.81 1.66
C GLY A 202 -7.32 3.31 1.41
N ASP A 203 -8.41 4.08 1.46
CA ASP A 203 -8.36 5.49 1.07
C ASP A 203 -8.12 6.41 2.27
N GLU A 204 -7.87 5.84 3.46
CA GLU A 204 -7.73 6.65 4.67
C GLU A 204 -6.68 7.75 4.50
N TYR A 205 -5.57 7.44 3.79
CA TYR A 205 -4.47 8.42 3.71
C TYR A 205 -4.90 9.60 2.83
N LYS A 206 -5.95 9.42 2.01
CA LYS A 206 -6.45 10.52 1.19
C LYS A 206 -7.18 11.53 2.07
N VAL A 207 -8.01 11.02 3.00
CA VAL A 207 -8.67 11.84 4.00
C VAL A 207 -7.63 12.59 4.83
N MET A 208 -6.58 11.90 5.28
CA MET A 208 -5.53 12.56 6.03
C MET A 208 -4.90 13.69 5.22
N GLY A 209 -4.79 13.50 3.89
CA GLY A 209 -4.23 14.50 2.99
C GLY A 209 -5.12 15.75 2.84
N LEU A 210 -6.44 15.55 2.92
CA LEU A 210 -7.42 16.61 2.74
C LEU A 210 -7.58 17.44 4.03
N ALA A 211 -7.32 16.81 5.19
CA ALA A 211 -7.69 17.40 6.48
C ALA A 211 -7.09 18.78 6.73
N PRO A 212 -5.80 19.06 6.40
CA PRO A 212 -5.25 20.41 6.59
C PRO A 212 -6.02 21.53 5.89
N TYR A 213 -6.85 21.23 4.88
CA TYR A 213 -7.58 22.27 4.20
C TYR A 213 -8.82 22.65 5.00
N GLY A 214 -9.16 21.85 6.02
CA GLY A 214 -10.45 21.98 6.67
C GLY A 214 -10.32 22.68 8.02
N ASP A 215 -11.45 23.12 8.56
CA ASP A 215 -11.50 23.73 9.86
C ASP A 215 -12.18 22.75 10.82
N PRO A 216 -11.44 22.17 11.80
CA PRO A 216 -12.02 21.20 12.73
C PRO A 216 -13.14 21.75 13.61
N SER A 217 -13.35 23.07 13.59
CA SER A 217 -14.33 23.67 14.51
C SER A 217 -15.76 23.65 13.94
N THR A 218 -15.89 23.57 12.61
CA THR A 218 -17.22 23.59 12.01
C THR A 218 -18.09 22.49 12.61
N TYR A 219 -17.54 21.29 12.78
CA TYR A 219 -18.37 20.16 13.20
C TYR A 219 -18.00 19.65 14.59
N ARG A 220 -17.20 20.42 15.34
CA ARG A 220 -16.72 20.02 16.66
C ARG A 220 -17.86 19.56 17.58
N ASP A 221 -18.96 20.32 17.64
CA ASP A 221 -20.08 20.00 18.50
C ASP A 221 -20.68 18.65 18.13
N VAL A 222 -20.90 18.40 16.83
CA VAL A 222 -21.45 17.13 16.36
C VAL A 222 -20.51 15.99 16.76
N PHE A 223 -19.22 16.18 16.49
CA PHE A 223 -18.20 15.18 16.75
C PHE A 223 -18.09 14.89 18.25
N SER A 224 -18.40 15.88 19.11
CA SER A 224 -18.26 15.64 20.53
C SER A 224 -19.34 14.67 21.02
N THR A 225 -20.36 14.36 20.20
CA THR A 225 -21.35 13.38 20.61
C THR A 225 -20.93 11.98 20.11
N LEU A 226 -19.76 11.90 19.46
CA LEU A 226 -19.33 10.62 18.92
C LEU A 226 -18.29 9.93 19.81
N TYR A 227 -17.72 10.66 20.77
CA TYR A 227 -16.66 10.10 21.60
C TYR A 227 -16.55 10.92 22.88
N SER A 228 -15.85 10.39 23.89
CA SER A 228 -15.41 11.17 25.04
C SER A 228 -14.12 10.61 25.63
N LEU A 229 -13.32 11.50 26.21
CA LEU A 229 -12.10 11.13 26.92
C LEU A 229 -12.44 11.05 28.41
N GLY A 230 -12.07 9.93 29.04
CA GLY A 230 -12.31 9.76 30.46
C GLY A 230 -11.01 9.77 31.26
N PRO A 231 -11.07 9.58 32.60
CA PRO A 231 -9.86 9.53 33.42
C PRO A 231 -8.91 8.37 33.07
N ASN A 232 -7.61 8.62 33.25
CA ASN A 232 -6.61 7.56 33.28
C ASN A 232 -6.51 6.88 31.92
N GLY A 233 -6.59 7.67 30.84
CA GLY A 233 -6.40 7.16 29.50
C GLY A 233 -7.56 6.31 28.98
N THR A 234 -8.75 6.41 29.60
CA THR A 234 -9.95 5.73 29.12
C THR A 234 -10.67 6.61 28.09
N TYR A 235 -11.48 5.98 27.22
CA TYR A 235 -12.33 6.74 26.31
C TYR A 235 -13.56 5.92 25.92
N GLU A 236 -14.58 6.64 25.41
CA GLU A 236 -15.76 6.04 24.82
C GLU A 236 -15.82 6.44 23.34
N LEU A 237 -16.30 5.53 22.52
CA LEU A 237 -16.50 5.78 21.11
C LEU A 237 -17.87 5.24 20.74
N ILE A 238 -18.60 6.01 19.91
CA ILE A 238 -19.91 5.62 19.39
C ILE A 238 -19.83 4.19 18.84
N PRO A 239 -20.68 3.26 19.37
CA PRO A 239 -20.65 1.87 18.96
C PRO A 239 -21.11 1.62 17.52
N ARG A 240 -20.15 1.20 16.70
CA ARG A 240 -20.35 0.76 15.33
C ARG A 240 -21.22 -0.50 15.32
N GLY A 241 -21.89 -0.76 14.19
CA GLY A 241 -22.57 -2.01 13.97
C GLY A 241 -24.08 -1.93 14.23
N GLY A 242 -24.84 -2.73 13.48
CA GLY A 242 -26.30 -2.75 13.53
C GLY A 242 -26.86 -2.50 12.14
N VAL A 243 -28.20 -2.54 12.04
CA VAL A 243 -28.91 -2.18 10.81
C VAL A 243 -28.38 -0.84 10.30
N VAL A 244 -28.43 0.16 11.18
CA VAL A 244 -27.90 1.49 10.91
C VAL A 244 -26.87 1.78 11.99
N PHE A 245 -25.63 2.10 11.58
CA PHE A 245 -24.65 2.59 12.53
C PHE A 245 -25.23 3.85 13.16
N ARG A 246 -25.08 4.01 14.49
CA ARG A 246 -25.61 5.17 15.18
CA ARG A 246 -25.60 5.18 15.20
C ARG A 246 -24.99 6.46 14.61
N MET A 247 -23.71 6.39 14.21
CA MET A 247 -23.01 7.51 13.60
C MET A 247 -23.74 8.00 12.34
N THR A 248 -24.27 7.07 11.52
CA THR A 248 -25.03 7.41 10.33
C THR A 248 -26.25 8.24 10.69
N THR A 249 -27.01 7.80 11.71
CA THR A 249 -28.19 8.53 12.13
C THR A 249 -27.79 9.96 12.49
N ILE A 250 -26.69 10.10 13.22
CA ILE A 250 -26.32 11.42 13.76
C ILE A 250 -25.94 12.34 12.60
N LEU A 251 -25.12 11.85 11.66
CA LEU A 251 -24.70 12.64 10.52
C LEU A 251 -25.90 13.10 9.69
N ARG A 252 -26.80 12.18 9.38
CA ARG A 252 -27.97 12.51 8.57
C ARG A 252 -28.84 13.54 9.31
N GLU A 253 -28.95 13.39 10.63
CA GLU A 253 -29.73 14.31 11.46
C GLU A 253 -29.20 15.73 11.33
N HIS A 254 -27.88 15.89 11.17
CA HIS A 254 -27.31 17.23 11.09
C HIS A 254 -27.20 17.73 9.66
N GLY A 255 -27.77 16.99 8.68
CA GLY A 255 -27.81 17.42 7.29
C GLY A 255 -26.54 17.05 6.50
N LEU A 256 -25.76 16.08 6.98
CA LEU A 256 -24.55 15.69 6.28
C LEU A 256 -24.79 14.40 5.49
N GLN A 257 -24.83 14.51 4.16
CA GLN A 257 -24.99 13.37 3.28
C GLN A 257 -23.62 12.99 2.71
N PRO A 258 -23.36 11.70 2.44
CA PRO A 258 -22.05 11.28 1.95
C PRO A 258 -21.75 11.73 0.53
N ARG A 259 -20.52 12.21 0.31
CA ARG A 259 -20.06 12.63 -1.00
C ARG A 259 -20.06 11.43 -1.93
N ARG A 260 -20.44 11.64 -3.20
CA ARG A 260 -20.37 10.61 -4.22
C ARG A 260 -18.96 10.57 -4.84
N ARG A 261 -18.55 9.37 -5.29
CA ARG A 261 -17.33 9.19 -6.06
C ARG A 261 -17.27 10.22 -7.19
N GLY A 262 -16.14 10.96 -7.24
CA GLY A 262 -15.83 11.82 -8.38
C GLY A 262 -16.44 13.22 -8.27
N GLU A 263 -17.29 13.46 -7.26
CA GLU A 263 -17.79 14.80 -7.03
C GLU A 263 -16.68 15.72 -6.52
N PRO A 264 -16.77 17.05 -6.75
CA PRO A 264 -15.81 17.99 -6.15
C PRO A 264 -15.86 18.02 -4.62
N PHE A 265 -14.78 18.49 -4.00
CA PHE A 265 -14.68 18.60 -2.55
C PHE A 265 -15.03 20.03 -2.14
N THR A 266 -16.09 20.17 -1.33
CA THR A 266 -16.50 21.46 -0.80
C THR A 266 -15.73 21.75 0.49
N GLN A 267 -15.87 22.97 1.01
CA GLN A 267 -15.27 23.34 2.28
C GLN A 267 -15.86 22.49 3.41
N ALA A 268 -17.16 22.16 3.29
CA ALA A 268 -17.84 21.26 4.21
C ALA A 268 -17.13 19.90 4.25
N HIS A 269 -16.77 19.35 3.08
CA HIS A 269 -16.07 18.07 3.02
C HIS A 269 -14.71 18.15 3.71
N MET A 270 -13.98 19.24 3.48
CA MET A 270 -12.65 19.43 4.05
C MET A 270 -12.75 19.55 5.57
N ASP A 271 -13.79 20.26 6.04
CA ASP A 271 -14.06 20.44 7.46
C ASP A 271 -14.31 19.10 8.13
N PHE A 272 -15.08 18.22 7.46
CA PHE A 272 -15.40 16.90 7.98
C PHE A 272 -14.11 16.08 8.10
N ALA A 273 -13.29 16.12 7.05
CA ALA A 273 -11.98 15.47 7.09
C ALA A 273 -11.20 15.95 8.32
N ALA A 274 -11.20 17.27 8.57
CA ALA A 274 -10.40 17.83 9.65
C ALA A 274 -10.93 17.30 10.99
N SER A 275 -12.25 17.11 11.08
CA SER A 275 -12.91 16.61 12.28
C SER A 275 -12.56 15.13 12.54
N VAL A 276 -12.51 14.33 11.48
CA VAL A 276 -12.15 12.93 11.58
C VAL A 276 -10.71 12.82 12.06
N GLN A 277 -9.81 13.59 11.42
CA GLN A 277 -8.40 13.61 11.79
C GLN A 277 -8.23 14.14 13.22
N GLU A 278 -8.88 15.28 13.54
CA GLU A 278 -8.73 15.83 14.88
C GLU A 278 -9.18 14.81 15.92
N THR A 279 -10.36 14.20 15.70
CA THR A 279 -10.91 13.27 16.67
C THR A 279 -9.93 12.12 16.91
N THR A 280 -9.39 11.56 15.82
CA THR A 280 -8.46 10.46 15.89
C THR A 280 -7.24 10.85 16.74
N GLU A 281 -6.73 12.07 16.55
CA GLU A 281 -5.55 12.52 17.27
C GLU A 281 -5.88 12.70 18.75
N GLN A 282 -7.08 13.20 19.05
CA GLN A 282 -7.47 13.51 20.42
C GLN A 282 -7.45 12.21 21.22
N ILE A 283 -8.05 11.16 20.65
CA ILE A 283 -8.13 9.89 21.35
C ILE A 283 -6.76 9.21 21.39
N ALA A 284 -6.07 9.16 20.24
CA ALA A 284 -4.78 8.46 20.21
C ALA A 284 -3.78 9.08 21.20
N MET A 285 -3.73 10.41 21.28
CA MET A 285 -2.83 11.11 22.18
C MET A 285 -3.29 10.98 23.64
N HIS A 286 -4.61 10.84 23.86
CA HIS A 286 -5.14 10.62 25.20
C HIS A 286 -4.60 9.29 25.75
N VAL A 287 -4.64 8.25 24.91
CA VAL A 287 -4.19 6.92 25.28
C VAL A 287 -2.66 6.90 25.41
N ILE A 288 -1.94 7.32 24.36
CA ILE A 288 -0.49 7.29 24.33
C ILE A 288 0.12 8.17 25.44
N GLY A 289 -0.42 9.37 25.64
CA GLY A 289 0.06 10.28 26.68
C GLY A 289 -0.05 9.67 28.09
N TYR A 290 -1.21 9.07 28.38
CA TYR A 290 -1.45 8.44 29.68
C TYR A 290 -0.43 7.33 29.94
N TRP A 291 -0.23 6.47 28.94
CA TRP A 291 0.63 5.30 29.12
C TRP A 291 2.10 5.68 29.14
N ALA A 292 2.47 6.75 28.40
CA ALA A 292 3.83 7.24 28.44
C ALA A 292 4.11 7.78 29.84
N ARG A 293 3.18 8.55 30.39
CA ARG A 293 3.38 9.14 31.71
C ARG A 293 3.41 8.06 32.79
N SER A 294 2.57 7.04 32.63
CA SER A 294 2.38 6.01 33.63
C SER A 294 3.59 5.06 33.70
N THR A 295 4.13 4.70 32.53
CA THR A 295 5.26 3.78 32.41
C THR A 295 6.60 4.49 32.58
N GLY A 296 6.64 5.80 32.35
CA GLY A 296 7.88 6.56 32.35
C GLY A 296 8.80 6.22 31.16
N LEU A 297 8.32 5.42 30.19
CA LEU A 297 9.12 5.04 29.03
C LEU A 297 9.21 6.20 28.03
N ARG A 298 10.44 6.47 27.52
CA ARG A 298 10.70 7.59 26.61
C ARG A 298 11.06 7.12 25.19
N ASN A 299 11.05 5.80 24.96
CA ASN A 299 11.13 5.21 23.64
C ASN A 299 9.75 4.65 23.31
N LEU A 300 9.20 5.00 22.13
CA LEU A 300 7.96 4.46 21.62
C LEU A 300 8.22 3.69 20.33
N ALA A 301 7.69 2.46 20.24
CA ALA A 301 7.55 1.75 18.99
C ALA A 301 6.06 1.60 18.70
N PHE A 302 5.59 2.21 17.60
CA PHE A 302 4.16 2.34 17.34
C PHE A 302 3.81 1.57 16.05
N GLY A 303 2.76 0.73 16.13
CA GLY A 303 2.36 -0.12 15.02
C GLY A 303 0.85 -0.33 14.95
N GLY A 304 0.43 -1.28 14.10
CA GLY A 304 -0.95 -1.40 13.68
C GLY A 304 -1.24 -0.37 12.59
N GLY A 305 -2.39 -0.52 11.90
CA GLY A 305 -2.70 0.27 10.72
C GLY A 305 -2.81 1.77 11.02
N VAL A 306 -3.19 2.12 12.26
CA VAL A 306 -3.37 3.52 12.61
C VAL A 306 -2.00 4.21 12.63
N ALA A 307 -0.91 3.44 12.78
CA ALA A 307 0.44 4.02 12.71
C ALA A 307 0.81 4.45 11.30
N HIS A 308 -0.08 4.24 10.30
CA HIS A 308 0.18 4.83 8.98
C HIS A 308 -0.35 6.25 8.89
N ASN A 309 -1.01 6.71 9.97
CA ASN A 309 -1.42 8.12 10.05
C ASN A 309 -0.21 8.97 10.42
N SER A 310 0.47 9.49 9.39
CA SER A 310 1.72 10.22 9.56
C SER A 310 1.50 11.58 10.19
N THR A 311 0.29 12.15 10.04
CA THR A 311 -0.02 13.37 10.76
C THR A 311 0.01 13.09 12.27
N LEU A 312 -0.68 12.01 12.71
CA LEU A 312 -0.66 11.59 14.10
C LEU A 312 0.79 11.39 14.53
N ASN A 313 1.59 10.67 13.73
CA ASN A 313 2.99 10.41 14.04
C ASN A 313 3.72 11.72 14.33
N GLY A 314 3.49 12.74 13.49
CA GLY A 314 4.05 14.06 13.72
C GLY A 314 3.66 14.65 15.08
N ARG A 315 2.40 14.43 15.50
CA ARG A 315 1.89 14.95 16.77
CA ARG A 315 1.89 14.93 16.77
C ARG A 315 2.60 14.22 17.91
N ILE A 316 2.85 12.92 17.74
CA ILE A 316 3.61 12.16 18.71
C ILE A 316 5.01 12.76 18.90
N LEU A 317 5.68 13.12 17.80
CA LEU A 317 7.03 13.68 17.88
C LEU A 317 7.02 15.01 18.63
N THR A 318 6.02 15.87 18.38
CA THR A 318 6.03 17.23 18.92
C THR A 318 5.52 17.27 20.37
N SER A 319 4.89 16.19 20.85
CA SER A 319 4.36 16.17 22.20
C SER A 319 5.47 16.25 23.24
N GLY A 320 6.68 15.79 22.89
CA GLY A 320 7.81 15.86 23.82
C GLY A 320 7.77 14.75 24.88
N LEU A 321 6.87 13.76 24.70
CA LEU A 321 6.73 12.63 25.60
C LEU A 321 7.88 11.66 25.40
N PHE A 322 8.48 11.63 24.21
CA PHE A 322 9.49 10.63 23.87
C PHE A 322 10.82 11.28 23.48
N ASP A 323 11.89 10.49 23.56
CA ASP A 323 13.20 10.83 23.04
C ASP A 323 13.45 10.18 21.67
N GLU A 324 12.79 9.03 21.41
CA GLU A 324 12.98 8.29 20.18
C GLU A 324 11.67 7.57 19.84
N VAL A 325 11.26 7.63 18.56
CA VAL A 325 10.05 6.94 18.12
C VAL A 325 10.34 6.18 16.83
N PHE A 326 9.89 4.91 16.77
CA PHE A 326 10.09 4.06 15.60
C PHE A 326 8.73 3.59 15.10
N VAL A 327 8.55 3.70 13.78
CA VAL A 327 7.39 3.17 13.08
C VAL A 327 7.87 2.35 11.89
N HIS A 328 7.42 1.10 11.82
CA HIS A 328 7.76 0.16 10.75
C HIS A 328 7.20 0.63 9.40
N PRO A 329 7.92 0.43 8.25
CA PRO A 329 7.36 0.75 6.93
C PRO A 329 6.05 0.02 6.60
N ALA A 330 5.88 -1.16 7.20
CA ALA A 330 4.66 -1.95 7.03
C ALA A 330 4.10 -2.22 8.41
N SER A 331 3.26 -1.28 8.89
CA SER A 331 2.60 -1.36 10.18
C SER A 331 1.19 -1.91 10.02
N HIS A 332 0.80 -2.13 8.76
CA HIS A 332 -0.50 -2.73 8.48
C HIS A 332 -0.34 -4.24 8.60
N ASP A 333 -1.36 -5.01 8.18
CA ASP A 333 -1.34 -6.45 8.41
C ASP A 333 -0.19 -7.15 7.71
N ALA A 334 0.31 -6.60 6.57
CA ALA A 334 1.39 -7.28 5.87
C ALA A 334 2.61 -7.37 6.78
N GLY A 335 2.84 -6.33 7.59
CA GLY A 335 4.00 -6.35 8.47
C GLY A 335 3.84 -7.30 9.65
N SER A 336 2.60 -7.58 10.06
CA SER A 336 2.38 -8.41 11.24
C SER A 336 2.75 -9.86 10.94
N SER A 337 2.79 -10.23 9.65
CA SER A 337 3.15 -11.59 9.29
C SER A 337 4.56 -11.91 9.78
N GLU A 338 5.46 -10.92 9.74
CA GLU A 338 6.83 -11.20 10.19
C GLU A 338 6.88 -11.25 11.71
N GLY A 339 5.99 -10.48 12.37
CA GLY A 339 5.82 -10.61 13.81
C GLY A 339 5.40 -12.02 14.21
N ALA A 340 4.47 -12.60 13.46
CA ALA A 340 4.09 -13.97 13.71
C ALA A 340 5.33 -14.87 13.57
N ALA A 341 6.18 -14.59 12.57
CA ALA A 341 7.37 -15.39 12.33
C ALA A 341 8.33 -15.30 13.52
N LEU A 342 8.41 -14.11 14.12
CA LEU A 342 9.32 -13.89 15.25
C LEU A 342 8.81 -14.65 16.48
N VAL A 343 7.49 -14.60 16.70
CA VAL A 343 6.87 -15.32 17.82
C VAL A 343 7.15 -16.82 17.66
N VAL A 344 6.93 -17.34 16.45
CA VAL A 344 7.02 -18.79 16.23
C VAL A 344 8.46 -19.28 16.43
N ALA A 345 9.43 -18.49 15.97
CA ALA A 345 10.84 -18.83 16.12
C ALA A 345 11.22 -18.89 17.60
N ARG A 346 10.73 -17.90 18.38
CA ARG A 346 10.96 -17.83 19.81
C ARG A 346 10.35 -19.04 20.52
N GLU A 347 9.11 -19.40 20.16
CA GLU A 347 8.44 -20.56 20.74
C GLU A 347 9.24 -21.83 20.44
N ARG A 348 9.92 -21.87 19.28
CA ARG A 348 10.70 -23.03 18.85
C ARG A 348 12.12 -23.03 19.43
N GLY A 349 12.52 -21.96 20.12
CA GLY A 349 13.75 -21.97 20.87
C GLY A 349 14.78 -20.93 20.39
N GLU A 350 14.53 -20.26 19.26
CA GLU A 350 15.48 -19.29 18.72
C GLU A 350 15.55 -18.04 19.61
N ARG A 351 16.77 -17.53 19.82
CA ARG A 351 17.02 -16.36 20.64
C ARG A 351 17.86 -15.37 19.88
N VAL A 352 17.22 -14.43 19.16
CA VAL A 352 17.92 -13.54 18.26
C VAL A 352 17.99 -12.10 18.81
N TRP A 353 17.29 -11.80 19.91
CA TRP A 353 17.12 -10.42 20.35
C TRP A 353 18.36 -9.98 21.12
N PRO A 354 18.83 -8.70 21.04
CA PRO A 354 18.27 -7.68 20.15
C PRO A 354 18.87 -7.68 18.73
N LEU A 355 18.14 -7.07 17.79
CA LEU A 355 18.51 -7.03 16.39
C LEU A 355 18.82 -5.58 16.01
N PRO A 356 19.61 -5.32 14.94
CA PRO A 356 19.77 -3.95 14.46
C PRO A 356 18.44 -3.34 14.00
N ARG A 357 18.30 -2.01 14.18
CA ARG A 357 17.14 -1.29 13.66
C ARG A 357 17.03 -1.50 12.15
N LEU A 358 15.79 -1.69 11.70
CA LEU A 358 15.46 -1.77 10.28
C LEU A 358 15.65 -0.38 9.69
N THR A 359 16.43 -0.30 8.60
CA THR A 359 16.67 0.99 7.96
C THR A 359 16.25 0.95 6.49
N ASN A 360 15.94 -0.23 5.96
CA ASN A 360 15.78 -0.41 4.52
C ASN A 360 14.52 -1.25 4.29
N ALA A 361 13.50 -0.68 3.59
CA ALA A 361 12.25 -1.37 3.32
C ALA A 361 12.28 -2.06 1.95
N SER A 362 13.44 -2.04 1.29
CA SER A 362 13.56 -2.56 -0.06
C SER A 362 13.81 -4.07 -0.04
N LEU A 363 12.74 -4.87 0.10
CA LEU A 363 12.90 -6.28 0.42
C LEU A 363 12.11 -7.17 -0.53
N GLY A 364 11.43 -6.55 -1.50
CA GLY A 364 10.76 -7.32 -2.53
C GLY A 364 11.75 -7.82 -3.57
N PRO A 365 11.24 -8.43 -4.66
CA PRO A 365 12.08 -8.83 -5.79
C PRO A 365 12.73 -7.64 -6.50
N ASP A 366 13.91 -7.87 -7.08
CA ASP A 366 14.61 -6.88 -7.87
C ASP A 366 14.12 -7.02 -9.31
N LEU A 367 14.85 -6.43 -10.26
CA LEU A 367 14.44 -6.39 -11.65
C LEU A 367 15.24 -7.38 -12.51
N GLY A 368 15.96 -8.31 -11.86
CA GLY A 368 16.93 -9.17 -12.53
C GLY A 368 18.22 -8.41 -12.83
N ASP A 369 19.17 -9.08 -13.49
CA ASP A 369 20.45 -8.46 -13.82
C ASP A 369 20.30 -7.55 -15.03
N VAL A 370 21.29 -6.69 -15.26
CA VAL A 370 21.22 -5.64 -16.26
C VAL A 370 21.32 -6.21 -17.68
N ASP A 371 21.99 -7.35 -17.83
CA ASP A 371 22.14 -7.99 -19.14
C ASP A 371 20.78 -8.47 -19.63
N SER A 372 20.07 -9.26 -18.83
CA SER A 372 18.75 -9.75 -19.19
C SER A 372 17.79 -8.59 -19.44
N LEU A 373 18.03 -7.46 -18.76
CA LEU A 373 17.17 -6.30 -18.83
C LEU A 373 17.33 -5.64 -20.20
N GLU A 374 18.58 -5.45 -20.62
CA GLU A 374 18.92 -4.87 -21.91
C GLU A 374 18.24 -5.65 -23.02
N ARG A 375 18.22 -6.99 -22.88
CA ARG A 375 17.58 -7.88 -23.83
C ARG A 375 16.06 -7.66 -23.83
N THR A 376 15.45 -7.62 -22.65
CA THR A 376 14.03 -7.35 -22.50
C THR A 376 13.68 -6.00 -23.15
N LEU A 377 14.55 -4.99 -22.96
CA LEU A 377 14.28 -3.64 -23.43
C LEU A 377 14.26 -3.61 -24.96
N LYS A 378 15.10 -4.45 -25.59
CA LYS A 378 15.15 -4.53 -27.04
C LYS A 378 13.80 -5.01 -27.57
N SER A 379 13.15 -5.93 -26.82
CA SER A 379 11.85 -6.46 -27.19
C SER A 379 10.77 -5.38 -27.18
N TRP A 380 10.99 -4.27 -26.44
CA TRP A 380 10.06 -3.15 -26.35
C TRP A 380 10.33 -2.06 -27.39
N SER A 381 11.36 -2.25 -28.23
CA SER A 381 11.87 -1.18 -29.09
C SER A 381 10.84 -0.69 -30.12
N PRO A 382 9.77 -1.42 -30.50
CA PRO A 382 8.73 -0.80 -31.33
C PRO A 382 8.07 0.40 -30.65
N LEU A 383 8.16 0.48 -29.31
CA LEU A 383 7.44 1.50 -28.55
C LEU A 383 8.39 2.55 -27.98
N VAL A 384 9.65 2.18 -27.66
CA VAL A 384 10.52 3.07 -26.89
C VAL A 384 11.92 3.13 -27.52
N ASP A 385 12.61 4.26 -27.33
CA ASP A 385 14.05 4.35 -27.54
C ASP A 385 14.80 4.16 -26.22
N VAL A 386 15.89 3.40 -26.29
CA VAL A 386 16.68 3.01 -25.14
C VAL A 386 18.08 3.59 -25.30
N GLU A 387 18.55 4.23 -24.23
CA GLU A 387 19.91 4.77 -24.19
C GLU A 387 20.54 4.30 -22.88
N ARG A 388 21.87 4.19 -22.89
CA ARG A 388 22.61 3.74 -21.73
C ARG A 388 23.75 4.70 -21.45
N PRO A 389 23.54 5.78 -20.66
CA PRO A 389 24.60 6.76 -20.40
C PRO A 389 25.75 6.15 -19.63
N ASP A 390 26.90 6.84 -19.60
CA ASP A 390 28.04 6.37 -18.81
C ASP A 390 27.68 6.27 -17.34
N ASP A 391 26.91 7.25 -16.84
CA ASP A 391 26.56 7.35 -15.43
C ASP A 391 25.06 7.65 -15.30
N ILE A 392 24.26 6.65 -14.86
CA ILE A 392 22.81 6.83 -14.81
C ILE A 392 22.43 7.91 -13.80
N VAL A 393 23.15 8.02 -12.68
CA VAL A 393 22.78 9.02 -11.68
C VAL A 393 23.01 10.42 -12.25
N GLU A 394 24.13 10.62 -12.95
CA GLU A 394 24.45 11.90 -13.58
C GLU A 394 23.37 12.28 -14.61
N ALA A 395 23.04 11.36 -15.51
CA ALA A 395 22.01 11.60 -16.51
C ALA A 395 20.68 11.95 -15.85
N THR A 396 20.32 11.23 -14.77
CA THR A 396 18.99 11.39 -14.16
C THR A 396 18.88 12.74 -13.46
N ALA A 397 19.94 13.15 -12.74
CA ALA A 397 19.85 14.45 -12.09
C ALA A 397 19.61 15.56 -13.12
N HIS A 398 20.23 15.45 -14.31
CA HIS A 398 20.06 16.43 -15.37
C HIS A 398 18.63 16.41 -15.90
N LEU A 399 18.04 15.22 -16.05
CA LEU A 399 16.67 15.10 -16.50
C LEU A 399 15.76 15.84 -15.53
N LEU A 400 16.00 15.62 -14.23
CA LEU A 400 15.19 16.21 -13.19
C LEU A 400 15.36 17.74 -13.18
N ALA A 401 16.61 18.21 -13.28
CA ALA A 401 16.87 19.65 -13.21
C ALA A 401 16.35 20.39 -14.44
N ALA A 402 16.16 19.68 -15.57
CA ALA A 402 15.67 20.30 -16.79
C ALA A 402 14.14 20.39 -16.75
N GLY A 403 13.52 19.73 -15.76
CA GLY A 403 12.09 19.86 -15.50
C GLY A 403 11.27 18.64 -15.93
N GLU A 404 11.95 17.52 -16.23
CA GLU A 404 11.23 16.30 -16.58
C GLU A 404 10.70 15.61 -15.33
N ALA A 405 9.52 15.00 -15.48
CA ALA A 405 8.95 14.12 -14.47
C ALA A 405 9.23 12.68 -14.86
N ILE A 406 9.78 11.89 -13.94
CA ILE A 406 10.32 10.60 -14.36
C ILE A 406 9.75 9.46 -13.52
N GLY A 407 9.61 8.31 -14.20
CA GLY A 407 9.59 7.01 -13.56
C GLY A 407 11.02 6.60 -13.19
N TRP A 408 11.16 6.00 -12.00
CA TRP A 408 12.45 5.60 -11.48
C TRP A 408 12.30 4.24 -10.80
N ALA A 409 12.91 3.23 -11.41
CA ALA A 409 12.78 1.87 -10.93
C ALA A 409 14.15 1.24 -10.82
N HIS A 410 14.49 0.78 -9.60
CA HIS A 410 15.70 0.00 -9.45
C HIS A 410 15.71 -0.83 -8.17
N GLY A 411 16.53 -1.90 -8.18
CA GLY A 411 16.71 -2.80 -7.04
C GLY A 411 15.40 -3.44 -6.60
N ARG A 412 15.32 -3.71 -5.30
CA ARG A 412 14.24 -4.50 -4.73
C ARG A 412 13.10 -3.56 -4.32
N SER A 413 11.85 -3.98 -4.60
CA SER A 413 10.67 -3.16 -4.39
C SER A 413 10.40 -2.90 -2.91
N GLU A 414 9.75 -1.76 -2.61
CA GLU A 414 9.48 -1.31 -1.25
C GLU A 414 8.35 -2.14 -0.63
N PHE A 415 8.62 -2.61 0.61
CA PHE A 415 7.65 -3.31 1.44
C PHE A 415 6.89 -2.27 2.25
N GLY A 416 5.55 -2.36 2.23
CA GLY A 416 4.69 -1.34 2.81
C GLY A 416 4.23 -0.31 1.78
N PRO A 417 3.25 0.56 2.11
CA PRO A 417 2.60 1.42 1.12
C PRO A 417 3.44 2.52 0.45
N ARG A 418 4.55 2.95 1.06
CA ARG A 418 5.29 4.13 0.61
CA ARG A 418 5.27 4.13 0.60
C ARG A 418 6.41 3.76 -0.36
N ALA A 419 6.47 4.47 -1.50
CA ALA A 419 7.61 4.36 -2.40
C ALA A 419 8.78 5.18 -1.81
N LEU A 420 10.00 4.63 -1.89
CA LEU A 420 11.11 5.21 -1.15
C LEU A 420 12.38 5.26 -1.99
N GLY A 421 12.24 5.21 -3.32
CA GLY A 421 13.40 5.32 -4.21
C GLY A 421 13.77 4.00 -4.89
N ASN A 422 12.84 3.03 -4.93
CA ASN A 422 13.05 1.81 -5.71
C ASN A 422 11.99 1.67 -6.79
N ARG A 423 10.77 2.15 -6.49
CA ARG A 423 9.68 2.19 -7.44
C ARG A 423 8.95 3.52 -7.26
N SER A 424 9.59 4.61 -7.71
CA SER A 424 9.13 5.97 -7.46
C SER A 424 8.88 6.69 -8.78
N ILE A 425 8.03 7.73 -8.68
CA ILE A 425 7.91 8.79 -9.66
C ILE A 425 8.55 10.02 -9.03
N LEU A 426 9.49 10.65 -9.77
CA LEU A 426 10.33 11.70 -9.23
C LEU A 426 10.18 12.97 -10.06
N ALA A 427 10.36 14.12 -9.39
CA ALA A 427 10.36 15.42 -10.04
C ALA A 427 10.94 16.44 -9.07
N ASP A 428 11.36 17.59 -9.61
CA ASP A 428 11.77 18.76 -8.84
C ASP A 428 10.71 19.06 -7.78
N ALA A 429 11.16 19.29 -6.53
CA ALA A 429 10.29 19.64 -5.41
C ALA A 429 9.93 21.13 -5.41
N ARG A 430 10.61 21.93 -6.24
CA ARG A 430 10.52 23.39 -6.13
C ARG A 430 9.25 23.93 -6.77
N PRO A 431 8.87 23.57 -8.03
CA PRO A 431 7.77 24.23 -8.71
C PRO A 431 6.40 23.82 -8.16
N LYS A 432 5.65 24.81 -7.61
CA LYS A 432 4.37 24.55 -6.99
C LYS A 432 3.41 23.85 -7.96
N GLU A 433 3.53 24.18 -9.26
CA GLU A 433 2.59 23.67 -10.26
C GLU A 433 2.81 22.17 -10.51
N ASN A 434 3.90 21.61 -9.96
CA ASN A 434 4.10 20.16 -10.06
C ASN A 434 2.98 19.39 -9.35
N GLN A 435 2.28 20.01 -8.39
CA GLN A 435 1.18 19.32 -7.72
C GLN A 435 0.10 19.00 -8.73
N THR A 436 -0.37 20.02 -9.46
CA THR A 436 -1.42 19.78 -10.44
C THR A 436 -0.90 18.84 -11.52
N ARG A 437 0.35 19.02 -11.92
CA ARG A 437 0.94 18.35 -13.06
C ARG A 437 1.06 16.85 -12.80
N ILE A 438 1.63 16.45 -11.65
CA ILE A 438 1.81 15.03 -11.37
C ILE A 438 0.45 14.38 -11.10
N ASN A 439 -0.43 15.06 -10.35
CA ASN A 439 -1.78 14.59 -10.06
C ASN A 439 -2.61 14.53 -11.34
N ALA A 440 -3.23 15.69 -11.64
CA ALA A 440 -4.24 15.84 -12.68
C ALA A 440 -3.74 15.27 -14.02
N MET A 441 -2.44 15.43 -14.31
CA MET A 441 -1.99 15.08 -15.65
C MET A 441 -1.48 13.64 -15.66
N VAL A 442 -0.55 13.33 -14.75
CA VAL A 442 0.28 12.16 -14.92
C VAL A 442 -0.36 10.93 -14.26
N LYS A 443 -0.78 11.07 -13.00
CA LYS A 443 -1.36 9.97 -12.22
C LYS A 443 -2.86 9.83 -12.52
N LYS A 444 -3.52 10.99 -12.69
CA LYS A 444 -4.97 11.10 -12.87
C LYS A 444 -5.67 10.84 -11.55
N ARG A 445 -5.70 11.86 -10.67
CA ARG A 445 -6.34 11.79 -9.35
C ARG A 445 -6.80 13.19 -8.92
N GLU A 446 -7.12 13.36 -7.63
CA GLU A 446 -7.62 14.62 -7.11
C GLU A 446 -6.47 15.61 -6.92
N SER A 447 -6.75 16.89 -7.21
CA SER A 447 -5.75 17.96 -7.26
C SER A 447 -5.25 18.35 -5.87
N PHE A 448 -6.10 18.21 -4.85
CA PHE A 448 -5.84 18.60 -3.47
C PHE A 448 -4.67 17.80 -2.87
N ARG A 449 -4.39 16.63 -3.46
CA ARG A 449 -3.47 15.67 -2.88
C ARG A 449 -2.10 16.34 -2.71
N PRO A 450 -1.45 16.20 -1.53
CA PRO A 450 -0.12 16.76 -1.33
C PRO A 450 0.98 15.78 -1.74
N PHE A 451 2.19 16.28 -2.02
CA PHE A 451 3.28 15.39 -2.40
C PHE A 451 4.35 15.42 -1.33
N ALA A 452 5.11 14.33 -1.25
CA ALA A 452 6.05 14.12 -0.17
C ALA A 452 7.46 14.38 -0.68
N PRO A 453 8.30 15.13 0.06
CA PRO A 453 9.70 15.29 -0.33
C PRO A 453 10.63 14.20 0.20
N VAL A 454 11.71 13.96 -0.56
CA VAL A 454 12.87 13.25 -0.07
C VAL A 454 14.06 14.22 -0.01
N VAL A 455 14.79 14.18 1.11
CA VAL A 455 16.02 14.93 1.31
C VAL A 455 17.08 13.97 1.85
N THR A 456 18.37 14.32 1.63
CA THR A 456 19.48 13.57 2.18
C THR A 456 19.56 13.78 3.69
N ALA A 457 20.13 12.80 4.41
CA ALA A 457 20.42 12.93 5.83
C ALA A 457 21.28 14.17 6.07
N GLU A 458 22.23 14.42 5.15
CA GLU A 458 23.17 15.53 5.30
C GLU A 458 22.45 16.86 5.26
N ALA A 459 21.36 16.96 4.49
CA ALA A 459 20.76 18.26 4.22
C ALA A 459 19.44 18.47 4.98
N ALA A 460 18.98 17.45 5.71
CA ALA A 460 17.62 17.48 6.26
C ALA A 460 17.37 18.73 7.11
N GLY A 461 18.34 19.08 7.97
CA GLY A 461 18.23 20.23 8.88
C GLY A 461 18.19 21.58 8.17
N ASP A 462 18.56 21.62 6.87
CA ASP A 462 18.54 22.86 6.11
C ASP A 462 17.17 23.15 5.50
N TYR A 463 16.27 22.16 5.45
CA TYR A 463 14.97 22.36 4.82
C TYR A 463 13.82 22.17 5.80
N PHE A 464 14.03 21.38 6.87
CA PHE A 464 12.94 20.94 7.74
C PHE A 464 13.24 21.27 9.20
N ASP A 465 12.18 21.57 9.96
CA ASP A 465 12.35 21.74 11.40
C ASP A 465 12.15 20.38 12.05
N LEU A 466 13.24 19.63 12.21
CA LEU A 466 13.15 18.33 12.83
C LEU A 466 12.98 18.51 14.34
N PRO A 467 11.95 17.90 14.96
CA PRO A 467 11.72 18.02 16.39
C PRO A 467 12.87 17.46 17.24
N GLU A 468 12.90 17.83 18.53
CA GLU A 468 13.90 17.32 19.44
CA GLU A 468 13.86 17.33 19.48
C GLU A 468 13.76 15.80 19.55
N THR A 469 12.53 15.28 19.63
CA THR A 469 12.30 13.84 19.67
C THR A 469 12.82 13.23 18.37
N VAL A 470 13.64 12.17 18.46
CA VAL A 470 14.21 11.59 17.26
C VAL A 470 13.20 10.62 16.64
N GLY A 471 12.62 11.00 15.49
CA GLY A 471 11.84 10.05 14.69
C GLY A 471 12.74 9.35 13.68
N HIS A 472 12.37 8.12 13.28
CA HIS A 472 13.12 7.47 12.21
C HIS A 472 12.41 7.77 10.88
N HIS A 473 13.04 8.60 10.04
CA HIS A 473 12.35 9.15 8.88
C HIS A 473 12.66 8.39 7.60
N ASP A 474 13.17 7.16 7.72
CA ASP A 474 13.59 6.41 6.55
C ASP A 474 12.41 6.00 5.68
N PHE A 475 11.19 6.02 6.24
CA PHE A 475 10.06 5.40 5.54
C PHE A 475 8.89 6.38 5.38
N MET A 476 9.11 7.71 5.53
CA MET A 476 8.04 8.70 5.45
C MET A 476 6.93 8.41 6.47
N SER A 477 7.29 8.04 7.69
CA SER A 477 6.31 7.75 8.73
C SER A 477 5.81 9.03 9.41
N PHE A 478 6.55 10.14 9.30
CA PHE A 478 6.22 11.31 10.10
C PHE A 478 6.03 12.56 9.25
N VAL A 479 5.06 13.38 9.67
CA VAL A 479 4.90 14.74 9.19
C VAL A 479 5.76 15.68 10.05
N VAL A 480 6.46 16.62 9.39
CA VAL A 480 7.21 17.66 10.08
C VAL A 480 6.95 18.99 9.36
N GLN A 481 7.24 20.10 10.05
CA GLN A 481 7.19 21.42 9.43
C GLN A 481 8.38 21.59 8.48
N VAL A 482 8.08 22.13 7.30
CA VAL A 482 9.10 22.70 6.44
C VAL A 482 9.56 24.01 7.09
N ARG A 483 10.86 24.27 7.10
CA ARG A 483 11.35 25.54 7.60
C ARG A 483 10.61 26.69 6.92
N ALA A 484 10.18 27.67 7.73
CA ALA A 484 9.42 28.82 7.24
C ALA A 484 10.13 29.49 6.06
N ASP A 485 11.47 29.58 6.13
CA ASP A 485 12.24 30.25 5.10
C ASP A 485 12.46 29.35 3.87
N ARG A 486 11.81 28.18 3.83
CA ARG A 486 11.95 27.32 2.67
C ARG A 486 10.59 26.96 2.08
N ARG A 487 9.50 27.48 2.64
CA ARG A 487 8.18 27.02 2.22
C ARG A 487 7.91 27.45 0.79
N GLU A 488 8.31 28.68 0.45
CA GLU A 488 8.09 29.22 -0.88
C GLU A 488 8.92 28.45 -1.91
N LEU A 489 10.18 28.15 -1.56
CA LEU A 489 11.09 27.41 -2.41
C LEU A 489 10.51 26.03 -2.73
N LEU A 490 10.08 25.30 -1.68
CA LEU A 490 9.66 23.91 -1.81
C LEU A 490 8.16 23.83 -2.13
N GLY A 491 7.81 24.37 -3.30
CA GLY A 491 6.43 24.64 -3.66
C GLY A 491 5.60 23.38 -3.85
N ALA A 492 6.24 22.27 -4.25
CA ALA A 492 5.45 21.13 -4.71
C ALA A 492 5.18 20.17 -3.56
N VAL A 493 5.87 20.37 -2.43
CA VAL A 493 5.91 19.38 -1.37
C VAL A 493 5.57 20.01 -0.01
N THR A 494 5.14 21.27 0.02
CA THR A 494 4.76 21.87 1.28
C THR A 494 3.24 21.99 1.31
N HIS A 495 2.60 21.43 2.35
CA HIS A 495 1.15 21.48 2.53
C HIS A 495 0.77 22.88 3.01
N VAL A 496 -0.54 23.17 3.02
CA VAL A 496 -1.06 24.52 3.26
C VAL A 496 -0.75 24.99 4.67
N ASP A 497 -0.40 24.07 5.58
CA ASP A 497 -0.08 24.45 6.96
C ASP A 497 1.43 24.45 7.18
N GLY A 498 2.21 24.33 6.09
CA GLY A 498 3.67 24.34 6.16
C GLY A 498 4.29 22.97 6.44
N SER A 499 3.47 21.90 6.41
CA SER A 499 3.94 20.56 6.80
C SER A 499 4.30 19.70 5.58
N ALA A 500 4.99 18.56 5.84
CA ALA A 500 5.30 17.57 4.82
C ALA A 500 5.56 16.20 5.43
N ARG A 501 5.18 15.13 4.71
CA ARG A 501 5.52 13.76 5.04
CA ARG A 501 5.50 13.75 5.01
C ARG A 501 6.92 13.52 4.47
N VAL A 502 7.94 13.56 5.33
CA VAL A 502 9.32 13.66 4.85
C VAL A 502 9.98 12.28 4.78
N GLN A 503 10.75 12.04 3.69
CA GLN A 503 11.69 10.94 3.65
C GLN A 503 13.12 11.48 3.80
N VAL A 504 13.81 11.08 4.88
CA VAL A 504 15.21 11.44 5.04
C VAL A 504 16.03 10.22 4.65
N VAL A 505 16.70 10.27 3.49
CA VAL A 505 17.39 9.11 2.93
C VAL A 505 18.86 9.15 3.35
N THR A 506 19.39 8.00 3.80
CA THR A 506 20.82 7.87 4.11
C THR A 506 21.51 7.11 2.99
N GLU A 507 22.82 7.28 2.90
CA GLU A 507 23.61 6.50 1.95
C GLU A 507 23.46 4.99 2.17
N GLU A 508 23.56 4.56 3.44
CA GLU A 508 23.43 3.16 3.84
C GLU A 508 22.14 2.53 3.29
N THR A 509 21.01 3.24 3.40
CA THR A 509 19.72 2.68 3.05
C THR A 509 19.66 2.40 1.55
N ASN A 510 20.03 3.40 0.74
CA ASN A 510 19.81 3.36 -0.69
C ASN A 510 20.90 4.23 -1.35
N PRO A 511 22.12 3.69 -1.58
CA PRO A 511 23.23 4.52 -2.08
C PRO A 511 22.94 5.23 -3.39
N ARG A 512 22.27 4.54 -4.32
CA ARG A 512 22.00 5.12 -5.63
C ARG A 512 21.02 6.29 -5.51
N PHE A 513 19.96 6.09 -4.72
CA PHE A 513 18.94 7.10 -4.54
C PHE A 513 19.52 8.28 -3.75
N HIS A 514 20.33 8.00 -2.73
CA HIS A 514 20.99 9.05 -1.97
C HIS A 514 21.90 9.89 -2.87
N ARG A 515 22.61 9.20 -3.78
CA ARG A 515 23.53 9.90 -4.66
C ARG A 515 22.73 10.76 -5.64
N LEU A 516 21.56 10.27 -6.06
CA LEU A 516 20.71 10.99 -7.01
C LEU A 516 20.28 12.32 -6.38
N VAL A 517 19.75 12.23 -5.16
CA VAL A 517 19.30 13.42 -4.45
C VAL A 517 20.49 14.35 -4.21
N THR A 518 21.65 13.80 -3.84
CA THR A 518 22.85 14.60 -3.59
C THR A 518 23.26 15.35 -4.84
N ARG A 519 23.26 14.67 -5.99
CA ARG A 519 23.75 15.25 -7.24
C ARG A 519 22.77 16.33 -7.73
N PHE A 520 21.46 16.04 -7.62
CA PHE A 520 20.40 16.99 -7.97
C PHE A 520 20.62 18.29 -7.21
N GLY A 521 20.96 18.20 -5.93
CA GLY A 521 21.19 19.39 -5.12
C GLY A 521 22.46 20.15 -5.54
N GLU A 522 23.49 19.42 -5.98
CA GLU A 522 24.70 20.05 -6.48
C GLU A 522 24.37 20.84 -7.75
N LEU A 523 23.50 20.26 -8.59
CA LEU A 523 23.16 20.93 -9.83
C LEU A 523 22.30 22.18 -9.57
N THR A 524 21.36 22.12 -8.62
CA THR A 524 20.33 23.15 -8.52
C THR A 524 20.51 24.02 -7.27
N GLY A 525 21.26 23.54 -6.26
CA GLY A 525 21.25 24.19 -4.96
C GLY A 525 20.32 23.51 -3.95
N THR A 526 19.34 22.71 -4.40
CA THR A 526 18.33 22.18 -3.48
C THR A 526 18.34 20.65 -3.51
N PRO A 527 18.90 19.98 -2.48
CA PRO A 527 18.91 18.52 -2.42
C PRO A 527 17.60 17.92 -1.87
N VAL A 528 16.50 18.19 -2.59
CA VAL A 528 15.15 17.76 -2.25
C VAL A 528 14.47 17.35 -3.55
N LEU A 529 13.78 16.19 -3.56
CA LEU A 529 12.94 15.82 -4.68
C LEU A 529 11.51 15.52 -4.21
N LEU A 530 10.55 15.65 -5.13
CA LEU A 530 9.25 15.03 -4.97
C LEU A 530 9.39 13.53 -5.25
N ASN A 531 8.79 12.71 -4.37
CA ASN A 531 8.82 11.26 -4.43
C ASN A 531 7.43 10.68 -4.15
N THR A 532 6.77 10.21 -5.20
CA THR A 532 5.45 9.61 -5.08
C THR A 532 5.53 8.20 -5.67
N SER A 533 4.48 7.39 -5.40
CA SER A 533 4.53 5.98 -5.78
C SER A 533 4.46 5.85 -7.31
N PHE A 534 5.15 4.86 -7.86
CA PHE A 534 5.11 4.63 -9.30
C PHE A 534 3.92 3.71 -9.60
N ASN A 535 2.75 4.30 -9.90
CA ASN A 535 1.56 3.55 -10.28
C ASN A 535 0.53 4.53 -10.85
N ASN A 536 -0.27 4.08 -11.82
CA ASN A 536 -1.44 4.86 -12.21
C ASN A 536 -2.59 4.52 -11.25
N HIS A 537 -3.79 5.05 -11.57
CA HIS A 537 -4.98 4.98 -10.73
C HIS A 537 -5.51 3.56 -10.60
N ALA A 538 -5.13 2.67 -11.55
CA ALA A 538 -5.74 1.37 -11.68
C ALA A 538 -4.83 0.24 -11.19
N GLU A 539 -3.78 0.57 -10.44
CA GLU A 539 -2.86 -0.49 -10.05
C GLU A 539 -2.12 -0.14 -8.75
N PRO A 540 -1.60 -1.15 -8.02
CA PRO A 540 -0.62 -0.92 -6.96
C PRO A 540 0.75 -0.56 -7.51
N ILE A 541 1.71 -0.26 -6.62
CA ILE A 541 3.06 0.06 -7.07
C ILE A 541 3.55 -0.99 -8.04
N VAL A 542 4.18 -0.54 -9.14
CA VAL A 542 4.71 -1.42 -10.16
C VAL A 542 5.78 -2.32 -9.53
N GLN A 543 5.88 -3.59 -10.00
CA GLN A 543 6.85 -4.54 -9.46
C GLN A 543 7.90 -4.89 -10.51
N SER A 544 7.48 -5.51 -11.62
CA SER A 544 8.38 -6.11 -12.58
C SER A 544 8.72 -5.14 -13.72
N VAL A 545 9.67 -5.54 -14.57
CA VAL A 545 10.03 -4.82 -15.79
C VAL A 545 8.78 -4.58 -16.63
N ASP A 546 7.96 -5.64 -16.81
CA ASP A 546 6.69 -5.55 -17.52
C ASP A 546 5.79 -4.48 -16.92
N ASP A 547 5.64 -4.47 -15.57
CA ASP A 547 4.83 -3.48 -14.88
C ASP A 547 5.35 -2.06 -15.13
N VAL A 548 6.67 -1.87 -15.03
CA VAL A 548 7.33 -0.58 -15.15
C VAL A 548 7.15 0.00 -16.56
N LEU A 549 7.39 -0.84 -17.59
CA LEU A 549 7.25 -0.45 -18.99
C LEU A 549 5.80 -0.08 -19.27
N THR A 550 4.85 -0.94 -18.84
CA THR A 550 3.43 -0.69 -19.02
C THR A 550 3.03 0.65 -18.40
N SER A 551 3.48 0.89 -17.17
CA SER A 551 3.04 2.06 -16.42
C SER A 551 3.60 3.32 -17.08
N TYR A 552 4.92 3.30 -17.36
CA TYR A 552 5.53 4.39 -18.13
C TYR A 552 4.71 4.71 -19.39
N LEU A 553 4.41 3.68 -20.18
CA LEU A 553 3.82 3.90 -21.50
C LEU A 553 2.33 4.25 -21.44
N THR A 554 1.63 3.92 -20.35
CA THR A 554 0.20 4.15 -20.31
C THR A 554 -0.14 5.34 -19.41
N THR A 555 0.89 6.07 -18.97
CA THR A 555 0.65 7.36 -18.33
C THR A 555 1.36 8.39 -19.18
N SER A 556 1.43 9.63 -18.72
CA SER A 556 2.10 10.63 -19.52
C SER A 556 3.35 11.13 -18.81
N LEU A 557 4.02 10.24 -18.06
CA LEU A 557 5.36 10.52 -17.56
C LEU A 557 6.23 10.95 -18.74
N ASP A 558 7.17 11.87 -18.51
CA ASP A 558 8.09 12.30 -19.56
C ASP A 558 9.04 11.16 -19.94
N VAL A 559 9.71 10.56 -18.96
CA VAL A 559 10.77 9.62 -19.28
C VAL A 559 10.88 8.58 -18.17
N LEU A 560 11.38 7.39 -18.53
CA LEU A 560 11.57 6.30 -17.58
C LEU A 560 13.05 6.07 -17.37
N VAL A 561 13.46 5.99 -16.10
CA VAL A 561 14.79 5.49 -15.76
C VAL A 561 14.63 4.15 -15.07
N ILE A 562 15.11 3.08 -15.73
CA ILE A 562 15.09 1.73 -15.18
C ILE A 562 16.50 1.15 -15.17
N GLU A 563 17.05 0.96 -13.97
CA GLU A 563 18.42 0.52 -13.75
C GLU A 563 19.37 1.48 -14.46
N ASP A 564 20.14 0.98 -15.44
CA ASP A 564 21.19 1.76 -16.11
C ASP A 564 20.67 2.49 -17.34
N PHE A 565 19.36 2.38 -17.63
CA PHE A 565 18.82 2.75 -18.94
C PHE A 565 17.88 3.94 -18.82
N VAL A 566 17.91 4.78 -19.85
CA VAL A 566 16.95 5.85 -20.06
C VAL A 566 16.06 5.44 -21.23
N VAL A 567 14.76 5.48 -20.99
CA VAL A 567 13.77 4.95 -21.92
C VAL A 567 12.73 6.04 -22.18
N ARG A 568 12.50 6.35 -23.48
CA ARG A 568 11.55 7.37 -23.87
C ARG A 568 10.60 6.81 -24.93
N ARG A 569 9.32 7.17 -24.84
CA ARG A 569 8.33 6.76 -25.82
C ARG A 569 8.74 7.33 -27.19
N ARG A 570 8.38 6.63 -28.27
CA ARG A 570 8.72 7.06 -29.62
C ARG A 570 7.57 7.88 -30.22
N THR A 571 6.36 7.64 -29.74
CA THR A 571 5.17 8.37 -30.15
C THR A 571 4.44 8.82 -28.88
N GLU A 572 3.42 9.68 -29.04
CA GLU A 572 2.66 10.14 -27.88
C GLU A 572 1.94 8.96 -27.23
N LEU A 573 1.27 8.13 -28.03
CA LEU A 573 0.53 6.97 -27.56
C LEU A 573 1.18 5.68 -28.09
N PRO A 574 1.25 4.62 -27.27
CA PRO A 574 1.89 3.36 -27.68
C PRO A 574 1.02 2.49 -28.60
N LEU A 575 0.88 2.88 -29.87
CA LEU A 575 -0.12 2.29 -30.75
C LEU A 575 0.46 1.23 -31.70
N ALA A 576 1.79 1.14 -31.78
CA ALA A 576 2.42 0.18 -32.67
C ALA A 576 2.61 -1.16 -31.95
N LEU A 577 1.54 -1.96 -31.91
CA LEU A 577 1.48 -3.16 -31.08
C LEU A 577 1.48 -4.45 -31.91
N GLU A 578 1.89 -4.34 -33.19
CA GLU A 578 1.86 -5.42 -34.16
C GLU A 578 2.57 -6.65 -33.60
N ASP A 579 3.67 -6.40 -32.88
CA ASP A 579 4.55 -7.45 -32.40
C ASP A 579 4.37 -7.64 -30.90
N PHE A 580 3.18 -7.27 -30.40
CA PHE A 580 2.82 -7.45 -29.00
C PHE A 580 1.71 -8.49 -28.89
N THR A 581 1.62 -9.14 -27.72
CA THR A 581 0.56 -10.08 -27.44
C THR A 581 -0.43 -9.42 -26.49
N ILE A 582 -1.67 -9.94 -26.48
CA ILE A 582 -2.64 -9.61 -25.44
C ILE A 582 -2.96 -10.89 -24.65
N GLY A 583 -3.04 -10.75 -23.33
CA GLY A 583 -3.37 -11.86 -22.44
C GLY A 583 -4.38 -11.45 -21.37
N PHE A 584 -5.11 -12.44 -20.85
CA PHE A 584 -5.98 -12.23 -19.70
C PHE A 584 -5.19 -12.37 -18.39
N ARG A 585 -5.55 -11.55 -17.39
CA ARG A 585 -5.19 -11.80 -16.01
C ARG A 585 -6.09 -12.91 -15.46
N PRO A 586 -5.70 -13.62 -14.38
CA PRO A 586 -6.58 -14.64 -13.79
C PRO A 586 -8.00 -14.14 -13.48
N VAL A 587 -8.14 -12.85 -13.17
CA VAL A 587 -9.44 -12.32 -12.79
C VAL A 587 -10.15 -11.67 -13.99
N THR A 588 -9.54 -11.70 -15.19
CA THR A 588 -10.19 -11.06 -16.33
C THR A 588 -11.42 -11.87 -16.76
N ARG A 589 -12.51 -11.16 -17.07
CA ARG A 589 -13.69 -11.81 -17.62
C ARG A 589 -14.20 -10.99 -18.80
N LEU A 590 -14.42 -11.68 -19.93
CA LEU A 590 -14.90 -11.07 -21.16
C LEU A 590 -16.27 -11.64 -21.48
N VAL A 591 -17.28 -10.77 -21.65
CA VAL A 591 -18.64 -11.28 -21.83
C VAL A 591 -19.33 -10.64 -23.02
N ARG A 592 -20.14 -11.47 -23.70
CA ARG A 592 -21.24 -11.02 -24.53
CA ARG A 592 -21.24 -11.01 -24.53
C ARG A 592 -22.53 -11.32 -23.76
N ARG A 593 -23.24 -10.28 -23.32
CA ARG A 593 -24.38 -10.49 -22.43
C ARG A 593 -25.67 -10.08 -23.12
N LEU A 594 -26.72 -10.89 -22.95
CA LEU A 594 -28.04 -10.52 -23.44
C LEU A 594 -29.02 -10.34 -22.28
N ALA A 595 -29.93 -9.38 -22.45
CA ALA A 595 -30.93 -8.96 -21.48
C ALA A 595 -32.04 -8.21 -22.20
N ASP A 596 -33.30 -8.49 -21.82
CA ASP A 596 -34.45 -7.78 -22.35
C ASP A 596 -34.74 -6.58 -21.45
N VAL A 597 -34.44 -5.39 -21.96
CA VAL A 597 -34.45 -4.15 -21.18
C VAL A 597 -35.69 -3.32 -21.48
N SER A 598 -36.59 -3.82 -22.35
CA SER A 598 -37.84 -3.12 -22.61
C SER A 598 -38.75 -3.20 -21.38
N ALA A 599 -39.71 -2.26 -21.29
CA ALA A 599 -40.87 -2.39 -20.43
C ALA A 599 -42.04 -2.92 -21.27
N GLY A 600 -43.11 -3.35 -20.60
CA GLY A 600 -44.23 -4.00 -21.27
C GLY A 600 -43.90 -5.46 -21.56
N ARG A 601 -44.60 -6.04 -22.56
CA ARG A 601 -44.42 -7.43 -22.95
C ARG A 601 -42.96 -7.65 -23.36
N PRO A 602 -42.35 -8.83 -23.07
CA PRO A 602 -41.01 -9.15 -23.57
C PRO A 602 -40.82 -8.98 -25.08
N GLY A 603 -39.68 -8.40 -25.46
CA GLY A 603 -39.27 -8.25 -26.85
C GLY A 603 -37.85 -8.79 -27.05
N ALA A 604 -37.30 -8.60 -28.27
CA ALA A 604 -35.98 -9.12 -28.62
C ALA A 604 -34.91 -8.65 -27.63
N PRO A 605 -34.03 -9.55 -27.14
CA PRO A 605 -32.99 -9.15 -26.19
C PRO A 605 -31.86 -8.35 -26.84
N GLU A 606 -31.21 -7.50 -26.05
CA GLU A 606 -30.13 -6.66 -26.54
C GLU A 606 -28.78 -7.24 -26.12
N VAL A 607 -27.79 -7.09 -27.02
CA VAL A 607 -26.43 -7.54 -26.82
C VAL A 607 -25.59 -6.41 -26.24
N SER A 608 -24.81 -6.71 -25.19
CA SER A 608 -23.78 -5.85 -24.63
C SER A 608 -22.45 -6.60 -24.62
N HIS A 609 -21.36 -5.85 -24.79
CA HIS A 609 -20.01 -6.39 -24.69
C HIS A 609 -19.31 -5.65 -23.57
N GLU A 610 -18.56 -6.41 -22.75
CA GLU A 610 -18.06 -5.90 -21.49
C GLU A 610 -16.86 -6.73 -21.07
N ILE A 611 -15.87 -6.06 -20.46
CA ILE A 611 -14.77 -6.72 -19.79
C ILE A 611 -14.72 -6.19 -18.36
N TYR A 612 -14.40 -7.08 -17.39
CA TYR A 612 -14.38 -6.70 -16.00
C TYR A 612 -13.34 -7.55 -15.28
N LEU A 613 -12.90 -7.06 -14.12
CA LEU A 613 -11.97 -7.76 -13.25
C LEU A 613 -12.75 -8.35 -12.07
N ASP A 614 -12.78 -9.68 -12.01
CA ASP A 614 -13.63 -10.43 -11.11
C ASP A 614 -13.00 -10.53 -9.73
N HIS A 615 -12.74 -9.39 -9.11
CA HIS A 615 -12.41 -9.34 -7.70
C HIS A 615 -13.31 -8.31 -7.05
N THR A 616 -13.42 -8.37 -5.71
CA THR A 616 -14.20 -7.39 -4.95
C THR A 616 -13.77 -5.99 -5.35
N SER A 617 -14.76 -5.17 -5.75
CA SER A 617 -14.54 -3.79 -6.17
C SER A 617 -13.83 -3.72 -7.54
N GLY A 618 -13.95 -4.78 -8.33
CA GLY A 618 -13.23 -4.84 -9.59
C GLY A 618 -13.87 -3.91 -10.62
N PRO A 619 -13.06 -3.12 -11.36
CA PRO A 619 -13.57 -2.30 -12.47
C PRO A 619 -14.16 -3.10 -13.63
N ARG A 620 -14.86 -2.39 -14.50
CA ARG A 620 -15.70 -2.92 -15.56
C ARG A 620 -15.72 -1.88 -16.66
N ALA A 621 -15.82 -2.31 -17.93
CA ALA A 621 -15.85 -1.38 -19.05
C ALA A 621 -16.66 -1.98 -20.20
N THR A 622 -17.55 -1.16 -20.77
CA THR A 622 -18.22 -1.46 -22.02
C THR A 622 -17.15 -1.49 -23.12
N ILE A 623 -17.30 -2.46 -24.04
CA ILE A 623 -16.38 -2.54 -25.17
C ILE A 623 -17.22 -2.74 -26.42
N SER A 624 -16.59 -2.51 -27.59
CA SER A 624 -17.27 -2.67 -28.86
C SER A 624 -17.25 -4.14 -29.27
N ALA A 625 -18.17 -4.50 -30.18
CA ALA A 625 -18.20 -5.82 -30.80
C ALA A 625 -16.82 -6.16 -31.38
N ALA A 626 -16.15 -5.15 -31.95
CA ALA A 626 -14.86 -5.34 -32.59
C ALA A 626 -13.80 -5.65 -31.53
N MET A 627 -13.92 -5.01 -30.36
CA MET A 627 -12.96 -5.25 -29.29
C MET A 627 -13.17 -6.65 -28.73
N TYR A 628 -14.44 -7.03 -28.60
CA TYR A 628 -14.81 -8.34 -28.10
C TYR A 628 -14.16 -9.43 -28.96
N GLU A 629 -14.37 -9.34 -30.29
CA GLU A 629 -13.83 -10.30 -31.24
CA GLU A 629 -13.84 -10.34 -31.21
C GLU A 629 -12.31 -10.41 -31.07
N LEU A 630 -11.63 -9.26 -31.09
CA LEU A 630 -10.19 -9.22 -30.96
C LEU A 630 -9.77 -9.99 -29.70
N LEU A 631 -10.41 -9.70 -28.57
CA LEU A 631 -9.97 -10.19 -27.29
C LEU A 631 -10.24 -11.68 -27.13
N THR A 632 -11.15 -12.24 -27.95
CA THR A 632 -11.31 -13.70 -27.96
C THR A 632 -9.98 -14.35 -28.34
N HIS A 633 -9.05 -13.57 -28.92
CA HIS A 633 -7.77 -14.12 -29.39
C HIS A 633 -6.64 -13.79 -28.42
N ALA A 634 -6.98 -13.20 -27.27
CA ALA A 634 -5.97 -12.75 -26.33
C ALA A 634 -5.34 -13.96 -25.61
N ASP A 635 -4.42 -14.64 -26.31
CA ASP A 635 -3.89 -15.89 -25.83
C ASP A 635 -2.54 -15.68 -25.15
N GLY A 636 -2.01 -14.46 -25.23
CA GLY A 636 -0.74 -14.11 -24.58
C GLY A 636 0.50 -14.64 -25.33
N VAL A 637 0.32 -15.08 -26.58
CA VAL A 637 1.38 -15.74 -27.32
C VAL A 637 1.36 -15.29 -28.79
N THR A 638 0.17 -15.18 -29.40
CA THR A 638 0.05 -14.82 -30.80
C THR A 638 0.23 -13.31 -30.96
N PRO A 639 1.15 -12.84 -31.83
CA PRO A 639 1.28 -11.40 -32.12
C PRO A 639 0.02 -10.80 -32.73
N LEU A 640 -0.32 -9.57 -32.31
CA LEU A 640 -1.52 -8.89 -32.78
C LEU A 640 -1.52 -8.80 -34.30
N GLY A 641 -0.33 -8.63 -34.89
CA GLY A 641 -0.17 -8.30 -36.29
C GLY A 641 -0.66 -9.42 -37.21
N SER A 642 -0.64 -10.65 -36.68
CA SER A 642 -0.94 -11.82 -37.47
C SER A 642 -2.19 -12.53 -36.95
N LEU A 643 -3.25 -11.74 -36.69
CA LEU A 643 -4.55 -12.28 -36.32
C LEU A 643 -5.52 -12.06 -37.47
N GLY A 644 -5.06 -11.34 -38.51
CA GLY A 644 -5.84 -11.09 -39.69
C GLY A 644 -7.05 -10.19 -39.39
N ILE A 645 -6.93 -9.45 -38.27
CA ILE A 645 -7.84 -8.38 -37.91
C ILE A 645 -7.13 -7.06 -38.18
N GLU A 646 -7.80 -6.14 -38.87
CA GLU A 646 -7.21 -4.85 -39.21
C GLU A 646 -7.08 -3.98 -37.96
N LEU A 647 -5.83 -3.62 -37.68
CA LEU A 647 -5.47 -2.82 -36.53
C LEU A 647 -5.63 -1.34 -36.85
N THR A 648 -6.89 -0.86 -36.87
CA THR A 648 -7.20 0.54 -37.08
C THR A 648 -6.80 1.36 -35.86
N GLY A 649 -6.62 2.68 -36.05
CA GLY A 649 -6.33 3.60 -34.98
C GLY A 649 -7.41 3.54 -33.90
N GLU A 650 -8.66 3.35 -34.35
CA GLU A 650 -9.84 3.31 -33.49
C GLU A 650 -9.74 2.12 -32.54
N LEU A 651 -9.50 0.92 -33.12
CA LEU A 651 -9.38 -0.32 -32.37
C LEU A 651 -8.21 -0.24 -31.38
N LEU A 652 -7.07 0.28 -31.85
CA LEU A 652 -5.87 0.36 -31.03
C LEU A 652 -6.03 1.40 -29.92
N THR A 653 -6.81 2.45 -30.16
CA THR A 653 -7.05 3.45 -29.14
C THR A 653 -7.94 2.86 -28.05
N GLU A 654 -8.91 2.04 -28.46
CA GLU A 654 -9.79 1.34 -27.52
C GLU A 654 -8.98 0.35 -26.70
N LEU A 655 -8.08 -0.39 -27.36
CA LEU A 655 -7.19 -1.32 -26.69
C LEU A 655 -6.33 -0.59 -25.65
N TYR A 656 -5.85 0.61 -26.01
CA TYR A 656 -5.00 1.38 -25.14
C TYR A 656 -5.76 1.74 -23.87
N ASP A 657 -7.04 2.11 -24.02
CA ASP A 657 -7.90 2.44 -22.88
C ASP A 657 -7.93 1.26 -21.90
N LEU A 658 -8.06 0.05 -22.44
CA LEU A 658 -8.21 -1.15 -21.63
C LEU A 658 -6.89 -1.50 -20.95
N TRP A 659 -5.78 -1.28 -21.67
CA TRP A 659 -4.44 -1.51 -21.16
C TRP A 659 -4.18 -0.57 -19.97
N GLN A 660 -4.60 0.69 -20.13
CA GLN A 660 -4.49 1.70 -19.08
C GLN A 660 -5.31 1.29 -17.84
N GLY A 661 -6.44 0.62 -18.07
CA GLY A 661 -7.29 0.15 -17.00
C GLY A 661 -6.81 -1.19 -16.41
N ARG A 662 -5.83 -1.82 -17.07
CA ARG A 662 -5.21 -3.05 -16.59
C ARG A 662 -6.19 -4.22 -16.71
N PHE A 663 -7.15 -4.10 -17.64
CA PHE A 663 -8.11 -5.17 -17.83
C PHE A 663 -7.46 -6.36 -18.54
N VAL A 664 -6.39 -6.09 -19.31
CA VAL A 664 -5.63 -7.10 -20.03
C VAL A 664 -4.13 -6.83 -19.85
N THR A 665 -3.30 -7.81 -20.25
CA THR A 665 -1.85 -7.73 -20.21
C THR A 665 -1.34 -7.60 -21.65
N VAL A 666 -0.62 -6.51 -21.91
CA VAL A 666 -0.04 -6.25 -23.20
C VAL A 666 1.48 -6.31 -23.05
N ALA A 667 2.11 -7.17 -23.83
CA ALA A 667 3.55 -7.43 -23.70
C ALA A 667 4.12 -7.84 -25.06
N PRO A 668 5.44 -7.64 -25.31
CA PRO A 668 6.06 -8.07 -26.54
C PRO A 668 6.07 -9.59 -26.66
N VAL A 669 6.14 -10.10 -27.90
CA VAL A 669 6.44 -11.50 -28.16
C VAL A 669 7.84 -11.81 -27.60
#